data_3RYT
#
_entry.id   3RYT
#
_cell.length_a   110.783
_cell.length_b   110.783
_cell.length_c   265.628
_cell.angle_alpha   90.00
_cell.angle_beta   90.00
_cell.angle_gamma   90.00
#
_symmetry.space_group_name_H-M   'P 43 21 2'
#
loop_
_entity.id
_entity.type
_entity.pdbx_description
1 polymer Plexin-A1
2 polymer 'Ras-related C3 botulinum toxin substrate 1'
3 non-polymer 'MAGNESIUM ION'
4 non-polymer 'PHOSPHOAMINOPHOSPHONIC ACID-GUANYLATE ESTER'
#
loop_
_entity_poly.entity_id
_entity_poly.type
_entity_poly.pdbx_seq_one_letter_code
_entity_poly.pdbx_strand_id
1 'polypeptide(L)'
;SRDADRTLKRLQLQMDNLESRVALECKEAFAELQTDIHELTSDLDGAGIPFLDYRTYAMRVLFPGIEDHPVLKEMEVQAN
VEKSLTLFGQLLTKKHFLLTFIRTLEAQRSFSMRDRGNVASLIMTALQGEMEYATGVLKQLLSDLIEKNLESKNHPKLLL
RRTESVAEKMLTNWFTFLLYKFLKECAGEPLFMLYCAIKQQMEKGPIDAITGEARYSLSEDKLIRQQIDYKTLTLNCVNP
EHENAPEVPVKGLNCDTVTQVKEKLLDAVYKGVPYSQRPKAGDMDLEWRQGRMARIILQDEDVTTKIDNDWKRLNTLAHY
QVTDGSSVALVPKQTSAYNISNSSTFTKSLSRYESMLRTASSPDSLRSRTPMITPDLESGTKLWHLVKNHDHLDQREGDR
GSKMVSEIYLTRLLATKGTLQKFVDDLFETIFSTAHRGSALPLAIKYMFDFLDEQADKHQIHDSDVRHTWKSNCLPLRFW
VNVIKNPQFVFDIHKNSITDACLSVVAQTFMDSCSTSEHKLGKDSPSNKLLYAKDIPNYKSWVERYYADIAKMPAISDQD
MSAYLAEQSRLHLSQFNSMSALHEIYSYIAKYKDEILVALEKDEQARRQRLRSKLEQVVDTMALSS
;
A,B
2 'polypeptide(L)'
;GPHMQAIKCVVVGDGAVGKTCLLISYTTNAFPGEYIPTVFDNYSANVMVDGKPVNLGLWDTAGLEDYDRLRPLSYPQTDV
FLICFSLVSPASFENVRAKWYPEVRHHCPNTPIILVGTKLDLRDDKDTIEKLKEKKLTPITYPQGLAMAKEIGAVKYLEC
SALTQRGLKTVFDEAIRAVL
;
C
#
# COMPACT_ATOMS: atom_id res chain seq x y z
N ARG A 10 -7.94 -14.46 -31.41
CA ARG A 10 -8.79 -13.28 -31.47
C ARG A 10 -8.14 -12.09 -30.76
N LEU A 11 -7.61 -12.35 -29.57
CA LEU A 11 -6.97 -11.31 -28.77
C LEU A 11 -5.54 -11.06 -29.22
N GLN A 12 -4.94 -12.06 -29.88
CA GLN A 12 -3.57 -11.95 -30.35
C GLN A 12 -3.48 -11.14 -31.64
N LEU A 13 -4.55 -11.18 -32.44
CA LEU A 13 -4.59 -10.44 -33.69
C LEU A 13 -5.15 -9.04 -33.47
N GLN A 14 -5.49 -8.74 -32.23
CA GLN A 14 -6.06 -7.44 -31.88
C GLN A 14 -5.03 -6.54 -31.21
N MET A 15 -3.87 -7.11 -30.88
CA MET A 15 -2.81 -6.34 -30.24
C MET A 15 -1.70 -5.96 -31.20
N ASP A 16 -1.35 -6.88 -32.09
CA ASP A 16 -0.28 -6.64 -33.04
C ASP A 16 -0.63 -5.49 -33.99
N ASN A 17 -1.91 -5.15 -34.04
CA ASN A 17 -2.35 -3.99 -34.80
C ASN A 17 -2.14 -2.68 -34.06
N LEU A 18 -2.19 -2.74 -32.73
CA LEU A 18 -1.95 -1.56 -31.91
C LEU A 18 -0.45 -1.34 -31.73
N GLU A 19 0.32 -2.42 -31.79
CA GLU A 19 1.77 -2.35 -31.64
C GLU A 19 2.43 -1.76 -32.88
N SER A 20 1.79 -1.96 -34.04
CA SER A 20 2.33 -1.46 -35.30
C SER A 20 2.12 0.05 -35.44
N ARG A 21 1.02 0.55 -34.88
CA ARG A 21 0.70 1.97 -34.95
C ARG A 21 1.57 2.78 -34.00
N VAL A 22 1.91 2.19 -32.85
CA VAL A 22 2.72 2.86 -31.85
C VAL A 22 4.20 2.52 -32.04
N ALA A 23 4.48 1.70 -33.05
CA ALA A 23 5.85 1.26 -33.33
C ALA A 23 6.79 2.44 -33.57
N LEU A 24 6.40 3.29 -34.51
CA LEU A 24 7.22 4.45 -34.87
C LEU A 24 7.35 5.44 -33.72
N GLU A 25 6.28 5.59 -32.94
CA GLU A 25 6.28 6.50 -31.81
C GLU A 25 7.31 6.07 -30.78
N CYS A 26 7.52 4.77 -30.67
CA CYS A 26 8.47 4.22 -29.71
C CYS A 26 9.90 4.62 -30.02
N LYS A 27 10.30 4.43 -31.27
CA LYS A 27 11.66 4.74 -31.71
C LYS A 27 12.07 6.18 -31.39
N GLU A 28 11.10 7.08 -31.42
CA GLU A 28 11.37 8.50 -31.13
C GLU A 28 11.19 8.80 -29.65
N ALA A 29 10.52 7.90 -28.95
CA ALA A 29 10.30 8.05 -27.51
C ALA A 29 11.49 7.51 -26.72
N PHE A 30 11.96 6.33 -27.12
CA PHE A 30 13.12 5.71 -26.49
C PHE A 30 14.37 6.54 -26.72
N ALA A 31 14.53 7.00 -27.96
CA ALA A 31 15.69 7.80 -28.36
C ALA A 31 15.82 9.06 -27.49
N GLU A 32 14.71 9.76 -27.32
CA GLU A 32 14.69 11.00 -26.55
C GLU A 32 15.01 10.74 -25.07
N LEU A 33 14.89 9.49 -24.65
CA LEU A 33 15.21 9.13 -23.27
C LEU A 33 16.69 8.78 -23.12
N GLN A 34 17.19 7.97 -24.03
CA GLN A 34 18.58 7.52 -23.96
C GLN A 34 19.53 8.72 -24.04
N THR A 35 19.22 9.67 -24.93
CA THR A 35 20.04 10.87 -25.06
C THR A 35 19.94 11.74 -23.82
N ASP A 36 18.77 11.76 -23.19
CA ASP A 36 18.55 12.56 -22.00
C ASP A 36 19.13 11.88 -20.76
N ILE A 37 18.86 10.58 -20.61
CA ILE A 37 19.38 9.82 -19.48
C ILE A 37 20.88 9.64 -19.56
N HIS A 38 21.38 9.38 -20.76
CA HIS A 38 22.82 9.23 -20.94
C HIS A 38 23.54 10.45 -20.40
N GLU A 39 23.26 11.61 -20.96
CA GLU A 39 23.90 12.85 -20.53
C GLU A 39 23.64 13.16 -19.06
N LEU A 40 22.54 12.63 -18.53
CA LEU A 40 22.18 12.86 -17.13
C LEU A 40 22.98 11.95 -16.19
N THR A 41 23.89 11.17 -16.76
CA THR A 41 24.70 10.26 -15.96
C THR A 41 26.05 9.93 -16.60
N SER A 42 26.20 10.26 -17.88
CA SER A 42 27.44 10.00 -18.60
C SER A 42 28.52 10.96 -18.14
N ASP A 43 28.20 12.26 -18.23
CA ASP A 43 29.13 13.32 -17.88
C ASP A 43 28.75 13.96 -16.57
N ILE A 49 27.57 6.60 -10.12
CA ILE A 49 26.38 5.89 -9.70
C ILE A 49 26.31 5.79 -8.18
N PRO A 50 25.15 6.16 -7.61
CA PRO A 50 24.93 6.15 -6.16
C PRO A 50 24.74 4.74 -5.61
N PHE A 51 25.81 3.96 -5.59
CA PHE A 51 25.75 2.61 -5.03
C PHE A 51 25.83 2.63 -3.52
N LEU A 52 24.78 2.14 -2.85
CA LEU A 52 24.81 2.00 -1.41
C LEU A 52 26.02 1.17 -1.01
N ASP A 53 26.87 1.74 -0.18
CA ASP A 53 28.06 1.03 0.27
C ASP A 53 27.64 -0.28 0.93
N TYR A 54 28.53 -1.27 0.88
CA TYR A 54 28.24 -2.60 1.40
C TYR A 54 27.49 -2.55 2.73
N ARG A 55 27.92 -1.63 3.61
CA ARG A 55 27.28 -1.46 4.91
C ARG A 55 25.80 -1.15 4.77
N THR A 56 25.46 -0.15 3.96
CA THR A 56 24.08 0.26 3.76
C THR A 56 23.27 -0.77 2.96
N TYR A 57 23.84 -1.22 1.85
CA TYR A 57 23.18 -2.16 0.96
C TYR A 57 22.76 -3.44 1.68
N ALA A 58 23.70 -4.05 2.41
CA ALA A 58 23.45 -5.33 3.06
C ALA A 58 22.45 -5.26 4.20
N MET A 59 22.38 -4.09 4.84
CA MET A 59 21.46 -3.90 5.97
C MET A 59 20.00 -3.84 5.51
N ARG A 60 19.76 -3.17 4.39
CA ARG A 60 18.41 -3.01 3.89
C ARG A 60 17.86 -4.30 3.30
N VAL A 61 18.70 -5.34 3.26
CA VAL A 61 18.30 -6.60 2.67
C VAL A 61 18.07 -7.69 3.71
N LEU A 62 18.84 -7.63 4.79
CA LEU A 62 18.76 -8.64 5.83
C LEU A 62 17.74 -8.23 6.91
N PHE A 63 17.34 -6.96 6.88
CA PHE A 63 16.37 -6.44 7.83
C PHE A 63 15.44 -5.44 7.17
N PRO A 64 14.28 -5.93 6.69
CA PRO A 64 13.29 -5.12 5.97
C PRO A 64 12.80 -3.93 6.80
N GLY A 65 12.90 -2.73 6.22
CA GLY A 65 12.39 -1.53 6.88
C GLY A 65 12.98 -1.29 8.25
N ILE A 66 14.23 -1.67 8.43
CA ILE A 66 14.92 -1.45 9.71
C ILE A 66 15.99 -0.38 9.58
N GLU A 67 15.58 0.87 9.64
CA GLU A 67 16.50 2.00 9.60
C GLU A 67 17.21 2.16 10.94
N ASP A 68 16.83 1.33 11.91
CA ASP A 68 17.37 1.41 13.25
C ASP A 68 18.45 0.35 13.50
N HIS A 69 19.09 0.44 14.66
CA HIS A 69 20.14 -0.51 15.05
C HIS A 69 19.50 -1.76 15.67
N PRO A 70 20.29 -2.59 16.38
CA PRO A 70 21.72 -2.55 16.67
C PRO A 70 22.53 -3.48 15.78
N VAL A 71 23.29 -2.90 14.86
CA VAL A 71 24.15 -3.70 13.99
C VAL A 71 25.47 -2.97 13.74
N LEU A 72 25.39 -1.69 13.41
CA LEU A 72 26.57 -0.88 13.14
C LEU A 72 27.13 -0.25 14.40
N LYS A 73 26.34 -0.26 15.45
CA LYS A 73 26.77 0.32 16.72
C LYS A 73 28.08 -0.28 17.21
N GLU A 76 27.69 -0.55 22.01
CA GLU A 76 27.54 -0.64 23.46
C GLU A 76 28.72 -1.38 24.09
N VAL A 77 29.09 -0.97 25.30
CA VAL A 77 30.20 -1.59 26.01
C VAL A 77 29.77 -2.16 27.34
N GLN A 78 29.85 -3.48 27.47
CA GLN A 78 29.51 -4.16 28.71
C GLN A 78 30.69 -4.99 29.21
N ALA A 79 30.93 -4.93 30.52
CA ALA A 79 32.08 -5.60 31.12
C ALA A 79 31.83 -7.09 31.34
N ASN A 80 30.80 -7.41 32.11
CA ASN A 80 30.47 -8.80 32.44
C ASN A 80 29.85 -9.52 31.24
N VAL A 81 29.92 -8.90 30.07
CA VAL A 81 29.36 -9.49 28.86
C VAL A 81 30.45 -9.86 27.86
N GLU A 82 31.40 -8.97 27.65
CA GLU A 82 32.51 -9.21 26.72
C GLU A 82 33.29 -10.46 27.13
N LYS A 83 33.38 -10.68 28.44
CA LYS A 83 34.09 -11.85 28.97
C LYS A 83 33.35 -13.13 28.59
N SER A 84 32.05 -13.01 28.35
CA SER A 84 31.25 -14.15 27.93
C SER A 84 30.91 -14.05 26.44
N LEU A 85 31.34 -12.96 25.82
CA LEU A 85 31.09 -12.72 24.40
C LEU A 85 31.97 -13.62 23.55
N THR A 86 33.21 -13.81 23.99
CA THR A 86 34.15 -14.68 23.28
C THR A 86 33.69 -16.13 23.36
N LEU A 87 33.02 -16.49 24.45
CA LEU A 87 32.51 -17.84 24.63
C LEU A 87 31.51 -18.20 23.53
N PHE A 88 30.47 -17.38 23.40
CA PHE A 88 29.43 -17.63 22.41
C PHE A 88 29.99 -17.56 20.99
N GLY A 89 31.15 -16.90 20.84
CA GLY A 89 31.78 -16.77 19.55
C GLY A 89 32.48 -18.03 19.09
N GLN A 90 33.45 -18.46 19.88
CA GLN A 90 34.24 -19.66 19.55
C GLN A 90 33.37 -20.90 19.60
N LEU A 91 32.28 -20.84 20.38
CA LEU A 91 31.38 -21.96 20.54
C LEU A 91 30.44 -22.09 19.34
N LEU A 92 30.04 -20.95 18.78
CA LEU A 92 29.14 -20.93 17.64
C LEU A 92 29.89 -21.35 16.36
N THR A 93 31.20 -21.18 16.37
CA THR A 93 32.04 -21.57 15.25
C THR A 93 32.07 -23.10 15.10
N LYS A 94 31.87 -23.80 16.22
CA LYS A 94 31.84 -25.26 16.21
C LYS A 94 30.73 -25.77 15.30
N LYS A 95 31.13 -26.39 14.19
CA LYS A 95 30.19 -26.87 13.18
C LYS A 95 28.92 -27.48 13.78
N HIS A 96 29.10 -28.43 14.70
CA HIS A 96 27.97 -29.15 15.28
C HIS A 96 27.08 -28.28 16.16
N PHE A 97 27.69 -27.39 16.94
CA PHE A 97 26.92 -26.51 17.82
C PHE A 97 25.90 -25.72 17.01
N LEU A 98 26.37 -25.08 15.95
CA LEU A 98 25.51 -24.24 15.12
C LEU A 98 24.44 -25.05 14.39
N LEU A 99 24.69 -26.34 14.22
CA LEU A 99 23.72 -27.22 13.55
C LEU A 99 22.63 -27.68 14.51
N THR A 100 23.05 -28.18 15.67
CA THR A 100 22.10 -28.63 16.69
C THR A 100 21.33 -27.45 17.25
N PHE A 101 21.97 -26.28 17.27
CA PHE A 101 21.34 -25.06 17.75
C PHE A 101 20.15 -24.71 16.89
N ILE A 102 20.28 -24.92 15.58
CA ILE A 102 19.20 -24.61 14.65
C ILE A 102 18.17 -25.72 14.60
N ARG A 103 18.63 -26.96 14.50
CA ARG A 103 17.74 -28.11 14.38
C ARG A 103 16.80 -28.25 15.58
N THR A 104 17.27 -27.86 16.76
CA THR A 104 16.48 -27.95 17.97
C THR A 104 15.43 -26.84 18.06
N LEU A 105 15.83 -25.63 17.69
CA LEU A 105 14.92 -24.49 17.69
C LEU A 105 13.83 -24.67 16.65
N GLU A 106 14.24 -24.92 15.41
CA GLU A 106 13.33 -25.11 14.31
C GLU A 106 12.31 -26.21 14.63
N ALA A 107 12.74 -27.20 15.40
CA ALA A 107 11.89 -28.32 15.78
C ALA A 107 10.75 -27.88 16.70
N GLN A 108 10.95 -26.77 17.40
CA GLN A 108 9.94 -26.24 18.32
C GLN A 108 8.88 -25.43 17.59
N ARG A 109 7.67 -25.42 18.14
CA ARG A 109 6.55 -24.72 17.54
C ARG A 109 6.35 -23.36 18.22
N SER A 110 7.45 -22.77 18.66
CA SER A 110 7.42 -21.49 19.36
C SER A 110 7.48 -20.31 18.40
N PHE A 111 8.62 -20.16 17.73
CA PHE A 111 8.83 -19.04 16.82
C PHE A 111 8.37 -19.36 15.39
N SER A 112 7.86 -18.34 14.71
CA SER A 112 7.38 -18.50 13.34
C SER A 112 8.46 -18.09 12.33
N MET A 113 8.10 -18.10 11.05
CA MET A 113 9.03 -17.71 9.99
C MET A 113 9.68 -16.36 10.28
N ARG A 114 8.92 -15.47 10.89
CA ARG A 114 9.40 -14.13 11.25
C ARG A 114 10.68 -14.19 12.08
N ASP A 115 10.74 -15.15 13.01
CA ASP A 115 11.91 -15.33 13.85
C ASP A 115 12.99 -16.13 13.13
N ARG A 116 12.56 -17.09 12.31
CA ARG A 116 13.46 -17.89 11.49
C ARG A 116 14.14 -17.01 10.44
N GLY A 117 13.60 -15.80 10.26
CA GLY A 117 14.12 -14.88 9.27
C GLY A 117 15.17 -13.93 9.81
N ASN A 118 15.06 -13.62 11.10
CA ASN A 118 16.03 -12.75 11.77
C ASN A 118 17.25 -13.52 12.24
N VAL A 119 17.01 -14.72 12.76
CA VAL A 119 18.10 -15.58 13.22
C VAL A 119 19.05 -15.91 12.08
N ALA A 120 18.49 -16.16 10.90
CA ALA A 120 19.29 -16.44 9.71
C ALA A 120 20.09 -15.21 9.30
N SER A 121 19.60 -14.04 9.69
CA SER A 121 20.23 -12.78 9.33
C SER A 121 21.27 -12.37 10.37
N LEU A 122 20.99 -12.68 11.63
CA LEU A 122 21.92 -12.39 12.72
C LEU A 122 23.21 -13.17 12.57
N ILE A 123 23.07 -14.47 12.31
CA ILE A 123 24.21 -15.37 12.17
C ILE A 123 25.10 -14.94 11.01
N MET A 124 24.47 -14.58 9.89
CA MET A 124 25.21 -14.07 8.74
C MET A 124 25.87 -12.74 9.09
N THR A 125 25.27 -12.02 10.04
CA THR A 125 25.82 -10.76 10.50
C THR A 125 26.90 -11.00 11.54
N ALA A 126 27.20 -12.27 11.80
CA ALA A 126 28.21 -12.63 12.79
C ALA A 126 29.37 -13.39 12.15
N LEU A 127 29.03 -14.30 11.25
CA LEU A 127 30.04 -15.14 10.62
C LEU A 127 30.60 -14.52 9.34
N GLN A 128 30.35 -13.24 9.14
CA GLN A 128 30.81 -12.56 7.93
C GLN A 128 32.33 -12.56 7.89
N GLY A 129 32.95 -12.75 9.04
CA GLY A 129 34.40 -12.83 9.14
C GLY A 129 34.89 -14.25 8.97
N GLU A 130 34.02 -15.12 8.47
CA GLU A 130 34.36 -16.52 8.25
C GLU A 130 33.38 -17.14 7.27
N MET A 131 33.13 -16.45 6.16
CA MET A 131 32.18 -16.91 5.16
C MET A 131 32.58 -18.27 4.61
N GLU A 132 33.86 -18.60 4.73
CA GLU A 132 34.36 -19.90 4.30
C GLU A 132 33.76 -21.01 5.17
N TYR A 133 33.38 -20.65 6.39
CA TYR A 133 32.80 -21.60 7.33
C TYR A 133 31.28 -21.66 7.21
N ALA A 134 30.64 -20.50 7.27
CA ALA A 134 29.19 -20.42 7.23
C ALA A 134 28.63 -21.05 5.96
N THR A 135 29.48 -21.17 4.93
CA THR A 135 29.07 -21.82 3.69
C THR A 135 29.01 -23.33 3.85
N GLY A 136 29.84 -23.83 4.76
CA GLY A 136 29.82 -25.25 5.08
C GLY A 136 28.54 -25.61 5.83
N VAL A 137 28.17 -24.77 6.79
CA VAL A 137 26.96 -24.99 7.56
C VAL A 137 25.72 -24.88 6.69
N LEU A 138 25.69 -23.85 5.84
CA LEU A 138 24.56 -23.61 4.95
C LEU A 138 24.28 -24.80 4.05
N LYS A 139 25.34 -25.41 3.54
CA LYS A 139 25.20 -26.60 2.70
C LYS A 139 24.62 -27.77 3.49
N GLN A 140 24.95 -27.83 4.78
CA GLN A 140 24.48 -28.91 5.64
C GLN A 140 23.02 -28.70 6.04
N LEU A 141 22.64 -27.44 6.19
CA LEU A 141 21.26 -27.09 6.51
C LEU A 141 20.37 -27.25 5.29
N LEU A 142 20.93 -26.98 4.12
CA LEU A 142 20.20 -27.13 2.86
C LEU A 142 20.12 -28.59 2.45
N SER A 143 21.05 -29.40 2.94
CA SER A 143 21.01 -30.83 2.67
C SER A 143 19.79 -31.44 3.36
N ASP A 144 19.76 -31.35 4.68
CA ASP A 144 18.66 -31.91 5.46
C ASP A 144 17.30 -31.35 5.03
N LEU A 145 17.27 -30.05 4.75
CA LEU A 145 16.05 -29.40 4.31
C LEU A 145 15.49 -30.09 3.07
N ILE A 146 16.39 -30.60 2.23
CA ILE A 146 16.00 -31.32 1.03
C ILE A 146 15.63 -32.76 1.35
N GLU A 147 16.36 -33.36 2.29
CA GLU A 147 16.11 -34.73 2.67
C GLU A 147 14.74 -34.86 3.34
N LYS A 148 14.49 -34.00 4.33
CA LYS A 148 13.23 -34.06 5.07
C LYS A 148 12.03 -33.90 4.14
N ASN A 149 12.19 -33.06 3.12
CA ASN A 149 11.10 -32.76 2.19
C ASN A 149 10.91 -33.84 1.14
N LEU A 150 11.96 -34.62 0.88
CA LEU A 150 11.87 -35.73 -0.06
C LEU A 150 11.65 -37.05 0.67
N GLU A 151 11.82 -37.03 1.99
CA GLU A 151 11.54 -38.20 2.80
C GLU A 151 10.06 -38.22 3.17
N SER A 152 9.39 -37.08 2.96
CA SER A 152 7.96 -36.98 3.22
C SER A 152 7.15 -37.04 1.93
N LYS A 153 7.82 -37.33 0.82
CA LYS A 153 7.17 -37.47 -0.48
C LYS A 153 6.53 -36.17 -0.95
N ASN A 154 7.15 -35.04 -0.61
CA ASN A 154 6.71 -33.74 -1.10
C ASN A 154 7.08 -33.55 -2.56
N HIS A 155 6.20 -32.88 -3.31
CA HIS A 155 6.46 -32.66 -4.72
C HIS A 155 7.71 -31.81 -4.91
N PRO A 156 8.71 -32.35 -5.60
CA PRO A 156 10.00 -31.71 -5.81
C PRO A 156 9.86 -30.26 -6.25
N LYS A 157 9.14 -30.03 -7.34
CA LYS A 157 8.96 -28.68 -7.88
C LYS A 157 8.52 -27.70 -6.80
N LEU A 158 7.72 -28.19 -5.86
CA LEU A 158 7.19 -27.35 -4.80
C LEU A 158 7.97 -27.53 -3.49
N LEU A 159 9.28 -27.31 -3.56
CA LEU A 159 10.12 -27.43 -2.37
C LEU A 159 10.59 -26.09 -1.83
N LEU A 160 11.34 -25.34 -2.63
CA LEU A 160 11.88 -24.05 -2.20
C LEU A 160 10.92 -22.89 -2.45
N ARG A 161 9.67 -23.21 -2.78
CA ARG A 161 8.67 -22.20 -3.07
C ARG A 161 7.26 -22.66 -2.70
N ARG A 162 6.83 -22.30 -1.49
CA ARG A 162 7.72 -21.63 -0.55
C ARG A 162 7.48 -22.08 0.89
N THR A 163 8.56 -22.45 1.56
CA THR A 163 8.51 -22.82 2.96
C THR A 163 9.28 -21.79 3.78
N GLU A 164 10.21 -21.11 3.13
CA GLU A 164 10.98 -20.05 3.76
C GLU A 164 11.37 -20.42 5.19
N SER A 165 12.07 -21.54 5.33
CA SER A 165 12.52 -22.00 6.63
C SER A 165 13.73 -21.21 7.10
N VAL A 166 14.63 -21.87 7.83
CA VAL A 166 15.81 -21.21 8.36
C VAL A 166 16.94 -21.18 7.34
N ALA A 167 17.23 -22.35 6.78
CA ALA A 167 18.30 -22.49 5.79
C ALA A 167 18.07 -21.56 4.61
N GLU A 168 16.87 -21.62 4.04
CA GLU A 168 16.51 -20.80 2.90
C GLU A 168 16.75 -19.31 3.18
N LYS A 169 16.50 -18.90 4.41
CA LYS A 169 16.67 -17.49 4.78
C LYS A 169 18.13 -17.12 4.89
N MET A 170 18.98 -18.10 5.16
CA MET A 170 20.42 -17.88 5.16
C MET A 170 20.95 -17.84 3.74
N LEU A 171 20.35 -18.66 2.88
CA LEU A 171 20.72 -18.70 1.47
C LEU A 171 20.41 -17.37 0.81
N THR A 172 19.26 -16.80 1.16
CA THR A 172 18.89 -15.48 0.66
C THR A 172 19.96 -14.47 1.05
N ASN A 173 20.58 -14.67 2.20
CA ASN A 173 21.65 -13.80 2.67
C ASN A 173 22.97 -14.10 1.98
N TRP A 174 23.25 -15.38 1.82
CA TRP A 174 24.49 -15.83 1.19
C TRP A 174 24.70 -15.13 -0.15
N PHE A 175 23.64 -15.06 -0.96
CA PHE A 175 23.71 -14.40 -2.26
C PHE A 175 23.85 -12.88 -2.12
N THR A 176 23.30 -12.32 -1.05
CA THR A 176 23.35 -10.88 -0.84
C THR A 176 24.78 -10.39 -0.65
N PHE A 177 25.54 -11.14 0.15
CA PHE A 177 26.92 -10.78 0.46
C PHE A 177 27.85 -10.93 -0.74
N LEU A 178 27.62 -11.96 -1.54
CA LEU A 178 28.54 -12.30 -2.61
C LEU A 178 28.23 -11.62 -3.95
N LEU A 179 26.95 -11.39 -4.21
CA LEU A 179 26.54 -10.78 -5.48
C LEU A 179 26.63 -9.26 -5.45
N TYR A 180 27.24 -8.71 -4.40
CA TYR A 180 27.43 -7.27 -4.33
C TYR A 180 28.42 -6.82 -5.41
N LYS A 181 29.56 -7.50 -5.46
CA LYS A 181 30.59 -7.21 -6.45
C LYS A 181 30.04 -7.27 -7.87
N PHE A 182 29.05 -8.14 -8.09
CA PHE A 182 28.47 -8.32 -9.41
C PHE A 182 27.51 -7.18 -9.75
N LEU A 183 26.87 -6.63 -8.73
CA LEU A 183 25.99 -5.48 -8.90
C LEU A 183 26.83 -4.22 -9.15
N LYS A 184 28.14 -4.40 -9.24
CA LYS A 184 29.06 -3.29 -9.50
C LYS A 184 29.67 -3.38 -10.89
N GLU A 185 30.41 -4.46 -11.11
CA GLU A 185 31.16 -4.63 -12.35
C GLU A 185 30.28 -5.03 -13.54
N CYS A 186 28.97 -5.15 -13.31
CA CYS A 186 28.05 -5.56 -14.38
C CYS A 186 26.62 -5.07 -14.15
N ALA A 187 25.85 -5.87 -13.42
CA ALA A 187 24.41 -5.64 -13.24
C ALA A 187 24.04 -4.22 -12.83
N GLY A 188 24.92 -3.56 -12.09
CA GLY A 188 24.64 -2.22 -11.57
C GLY A 188 24.08 -1.24 -12.58
N GLU A 189 24.54 -1.33 -13.83
CA GLU A 189 24.17 -0.36 -14.85
C GLU A 189 22.73 -0.51 -15.35
N PRO A 190 22.40 -1.66 -15.96
CA PRO A 190 21.09 -1.79 -16.61
C PRO A 190 19.93 -1.59 -15.64
N LEU A 191 20.19 -1.72 -14.34
CA LEU A 191 19.17 -1.57 -13.31
C LEU A 191 18.91 -0.09 -13.03
N PHE A 192 19.97 0.61 -12.65
CA PHE A 192 19.89 2.05 -12.45
C PHE A 192 19.39 2.70 -13.74
N MET A 193 19.77 2.12 -14.88
CA MET A 193 19.32 2.63 -16.18
C MET A 193 17.82 2.39 -16.36
N LEU A 194 17.35 1.25 -15.87
CA LEU A 194 15.92 0.93 -15.95
C LEU A 194 15.11 1.81 -15.00
N TYR A 195 15.66 2.05 -13.81
CA TYR A 195 15.00 2.90 -12.82
C TYR A 195 14.90 4.34 -13.31
N CYS A 196 15.95 4.82 -13.96
CA CYS A 196 15.98 6.17 -14.48
C CYS A 196 15.23 6.29 -15.80
N ALA A 197 14.83 5.14 -16.34
CA ALA A 197 14.00 5.13 -17.55
C ALA A 197 12.55 5.36 -17.16
N ILE A 198 12.16 4.82 -16.01
CA ILE A 198 10.81 4.97 -15.50
C ILE A 198 10.62 6.36 -14.89
N LYS A 199 11.49 6.70 -13.94
CA LYS A 199 11.42 7.96 -13.23
C LYS A 199 11.36 9.14 -14.20
N GLN A 200 11.94 8.97 -15.38
CA GLN A 200 12.01 10.04 -16.37
C GLN A 200 10.91 9.99 -17.42
N GLN A 201 10.22 8.86 -17.50
CA GLN A 201 9.15 8.70 -18.49
C GLN A 201 7.78 9.00 -17.90
N MET A 202 7.66 8.83 -16.58
CA MET A 202 6.41 9.14 -15.89
C MET A 202 6.25 10.65 -15.81
N GLU A 203 7.36 11.33 -15.53
CA GLU A 203 7.36 12.79 -15.43
C GLU A 203 7.15 13.44 -16.79
N LYS A 204 7.23 12.64 -17.85
CA LYS A 204 6.95 13.11 -19.19
C LYS A 204 5.53 13.66 -19.26
N GLY A 205 4.70 13.24 -18.31
CA GLY A 205 3.31 13.66 -18.24
C GLY A 205 2.84 13.97 -16.83
N PRO A 206 1.52 14.16 -16.67
CA PRO A 206 0.92 14.50 -15.37
C PRO A 206 0.96 13.33 -14.39
N ILE A 207 1.21 13.63 -13.12
CA ILE A 207 1.19 12.62 -12.07
C ILE A 207 0.36 13.07 -10.87
N ASP A 208 -0.85 12.54 -10.76
CA ASP A 208 -1.74 12.89 -9.67
C ASP A 208 -1.03 12.73 -8.33
N ALA A 209 -0.76 13.85 -7.68
CA ALA A 209 -0.02 13.83 -6.41
C ALA A 209 -0.82 13.17 -5.29
N ILE A 210 -2.12 13.00 -5.52
CA ILE A 210 -3.01 12.44 -4.50
C ILE A 210 -3.20 10.95 -4.69
N THR A 211 -3.45 10.53 -5.93
CA THR A 211 -3.74 9.14 -6.23
C THR A 211 -2.48 8.34 -6.59
N GLY A 212 -1.45 9.05 -7.06
CA GLY A 212 -0.23 8.41 -7.49
C GLY A 212 -0.28 8.00 -8.94
N GLU A 213 -1.48 7.95 -9.50
CA GLU A 213 -1.67 7.60 -10.90
C GLU A 213 -0.89 8.54 -11.83
N ALA A 214 -0.56 8.06 -13.02
CA ALA A 214 0.25 8.84 -13.95
C ALA A 214 -0.26 8.72 -15.39
N ARG A 215 0.22 9.61 -16.25
CA ARG A 215 -0.21 9.66 -17.64
C ARG A 215 0.27 8.44 -18.43
N TYR A 216 1.55 8.14 -18.31
CA TYR A 216 2.16 7.04 -19.07
C TYR A 216 2.38 5.81 -18.21
N SER A 217 1.47 5.60 -17.27
CA SER A 217 1.59 4.47 -16.34
C SER A 217 1.73 3.15 -17.08
N LEU A 218 2.68 2.33 -16.65
CA LEU A 218 2.93 1.03 -17.25
C LEU A 218 1.91 0.02 -16.76
N SER A 219 1.52 0.15 -15.50
CA SER A 219 0.50 -0.71 -14.91
C SER A 219 -0.88 -0.19 -15.28
N GLU A 220 -1.72 -1.06 -15.83
CA GLU A 220 -3.06 -0.68 -16.24
C GLU A 220 -3.95 -0.35 -15.03
N ASP A 221 -3.34 -0.24 -13.86
CA ASP A 221 -4.08 0.11 -12.65
C ASP A 221 -3.83 1.56 -12.22
N LYS A 222 -2.56 1.97 -12.19
CA LYS A 222 -2.23 3.35 -11.83
C LYS A 222 -2.18 4.26 -13.06
N LEU A 223 -2.93 3.90 -14.09
CA LEU A 223 -2.99 4.69 -15.32
C LEU A 223 -4.06 5.78 -15.21
N ILE A 224 -3.65 7.02 -15.42
CA ILE A 224 -4.59 8.14 -15.44
C ILE A 224 -5.47 8.09 -16.68
N ILE A 228 -5.58 13.77 -22.01
CA ILE A 228 -6.12 15.10 -21.76
C ILE A 228 -5.24 16.18 -22.39
N ASP A 229 -5.32 17.39 -21.87
CA ASP A 229 -4.57 18.52 -22.42
C ASP A 229 -3.64 19.14 -21.40
N TYR A 230 -2.35 19.13 -21.71
CA TYR A 230 -1.33 19.71 -20.84
C TYR A 230 -0.20 20.30 -21.68
N LYS A 231 0.42 21.36 -21.17
CA LYS A 231 1.51 22.02 -21.88
C LYS A 231 2.85 21.67 -21.26
N THR A 232 3.93 22.05 -21.95
CA THR A 232 5.28 21.80 -21.45
C THR A 232 6.05 23.11 -21.28
N LEU A 233 6.35 23.45 -20.03
CA LEU A 233 7.13 24.65 -19.74
C LEU A 233 8.56 24.28 -19.38
N THR A 234 9.45 25.27 -19.40
CA THR A 234 10.86 25.03 -19.10
C THR A 234 11.43 26.17 -18.26
N LEU A 235 11.67 25.89 -16.97
CA LEU A 235 12.15 26.91 -16.04
C LEU A 235 13.67 26.99 -16.00
N ASN A 236 14.17 28.08 -15.43
CA ASN A 236 15.61 28.30 -15.31
C ASN A 236 16.00 28.49 -13.85
N CYS A 237 16.10 27.40 -13.11
CA CYS A 237 16.43 27.46 -11.69
C CYS A 237 17.82 28.05 -11.44
N VAL A 238 17.97 28.68 -10.27
CA VAL A 238 19.27 29.21 -9.85
C VAL A 238 19.92 28.24 -8.87
N ASN A 239 20.90 27.48 -9.37
CA ASN A 239 21.59 26.49 -8.55
C ASN A 239 21.89 27.00 -7.14
N PRO A 240 21.22 26.41 -6.14
CA PRO A 240 21.36 26.79 -4.73
C PRO A 240 22.78 26.59 -4.19
N GLU A 241 23.43 25.51 -4.60
CA GLU A 241 24.76 25.17 -4.09
C GLU A 241 25.81 26.22 -4.47
N HIS A 242 25.48 27.07 -5.44
CA HIS A 242 26.39 28.12 -5.88
C HIS A 242 25.69 29.47 -5.95
N GLU A 243 26.31 30.42 -6.62
CA GLU A 243 25.73 31.76 -6.79
C GLU A 243 26.57 32.60 -7.76
N ASN A 244 25.92 33.52 -8.45
CA ASN A 244 26.57 34.41 -9.41
C ASN A 244 27.20 33.65 -10.58
N ALA A 245 26.55 32.57 -10.98
CA ALA A 245 27.04 31.75 -12.10
C ALA A 245 25.87 31.22 -12.92
N PRO A 246 26.15 30.66 -14.11
CA PRO A 246 25.11 30.14 -15.02
C PRO A 246 23.97 29.43 -14.30
N GLU A 247 22.76 29.55 -14.85
CA GLU A 247 21.58 28.96 -14.25
C GLU A 247 21.41 27.51 -14.70
N VAL A 248 20.44 26.82 -14.10
CA VAL A 248 20.16 25.44 -14.45
C VAL A 248 18.71 25.24 -14.84
N PRO A 249 18.44 25.14 -16.14
CA PRO A 249 17.08 24.92 -16.67
C PRO A 249 16.54 23.56 -16.27
N VAL A 250 15.22 23.45 -16.14
CA VAL A 250 14.57 22.20 -15.79
C VAL A 250 13.24 22.05 -16.53
N LYS A 251 13.15 21.05 -17.40
CA LYS A 251 11.92 20.81 -18.15
C LYS A 251 10.82 20.28 -17.24
N GLY A 252 9.64 20.90 -17.31
CA GLY A 252 8.54 20.51 -16.47
C GLY A 252 7.18 20.75 -17.09
N LEU A 253 6.12 20.54 -16.31
CA LEU A 253 4.77 20.73 -16.79
C LEU A 253 4.06 21.84 -16.02
N ASN A 254 2.97 22.35 -16.59
CA ASN A 254 2.20 23.41 -15.97
C ASN A 254 1.13 22.85 -15.03
N CYS A 255 1.25 21.56 -14.70
CA CYS A 255 0.27 20.88 -13.87
C CYS A 255 0.89 20.31 -12.59
N ASP A 256 2.22 20.21 -12.57
CA ASP A 256 2.92 19.66 -11.42
C ASP A 256 2.63 20.44 -10.14
N THR A 257 2.50 19.71 -9.03
CA THR A 257 2.35 20.32 -7.72
C THR A 257 3.62 21.07 -7.36
N VAL A 258 3.50 22.08 -6.51
CA VAL A 258 4.67 22.80 -6.02
C VAL A 258 5.67 21.83 -5.40
N THR A 259 5.15 20.73 -4.86
CA THR A 259 5.96 19.69 -4.24
C THR A 259 6.61 18.79 -5.30
N GLN A 260 5.89 18.53 -6.37
CA GLN A 260 6.42 17.75 -7.48
C GLN A 260 7.61 18.47 -8.12
N VAL A 261 7.43 19.76 -8.38
CA VAL A 261 8.46 20.57 -9.00
C VAL A 261 9.71 20.69 -8.13
N LYS A 262 9.52 20.92 -6.84
CA LYS A 262 10.65 20.99 -5.91
C LYS A 262 11.46 19.70 -5.93
N GLU A 263 10.83 18.63 -6.40
CA GLU A 263 11.53 17.36 -6.61
C GLU A 263 12.30 17.39 -7.92
N LYS A 264 11.63 17.88 -8.97
CA LYS A 264 12.24 18.02 -10.28
C LYS A 264 13.53 18.81 -10.17
N LEU A 265 13.44 20.01 -9.61
CA LEU A 265 14.59 20.89 -9.49
C LEU A 265 15.69 20.26 -8.66
N LEU A 266 15.31 19.64 -7.55
CA LEU A 266 16.29 19.00 -6.69
C LEU A 266 17.03 17.86 -7.40
N ASP A 267 16.37 17.25 -8.39
CA ASP A 267 17.00 16.18 -9.16
C ASP A 267 17.92 16.71 -10.25
N ALA A 268 17.54 17.84 -10.83
CA ALA A 268 18.32 18.44 -11.92
C ALA A 268 19.49 19.25 -11.38
N VAL A 269 19.28 19.92 -10.25
CA VAL A 269 20.31 20.73 -9.63
C VAL A 269 21.39 19.87 -8.97
N TYR A 270 20.95 18.80 -8.29
CA TYR A 270 21.88 17.89 -7.64
C TYR A 270 22.01 16.58 -8.42
N LYS A 271 22.43 16.67 -9.68
CA LYS A 271 22.57 15.51 -10.57
C LYS A 271 23.66 14.57 -10.00
N GLY A 272 24.86 15.09 -9.77
CA GLY A 272 25.95 14.30 -9.22
C GLY A 272 25.67 13.76 -7.82
N VAL A 273 25.55 14.68 -6.86
CA VAL A 273 25.25 14.35 -5.48
C VAL A 273 24.12 13.32 -5.34
N PRO A 274 24.36 12.28 -4.52
CA PRO A 274 23.37 11.22 -4.28
C PRO A 274 22.11 11.78 -3.64
N TYR A 275 21.21 10.93 -3.18
CA TYR A 275 19.96 11.36 -2.59
C TYR A 275 20.01 11.48 -1.08
N SER A 276 20.76 10.58 -0.44
CA SER A 276 20.87 10.57 1.01
C SER A 276 21.72 11.75 1.46
N GLN A 277 21.83 12.75 0.60
CA GLN A 277 22.58 13.95 0.91
C GLN A 277 21.84 15.21 0.45
N ARG A 278 21.01 15.07 -0.57
CA ARG A 278 20.23 16.20 -1.08
C ARG A 278 19.32 16.75 0.01
N PRO A 279 19.14 18.08 0.03
CA PRO A 279 18.17 18.73 0.93
C PRO A 279 16.76 18.27 0.58
N LYS A 280 16.12 17.55 1.50
CA LYS A 280 14.77 17.04 1.27
C LYS A 280 13.87 18.12 0.68
N ALA A 281 12.90 17.70 -0.12
CA ALA A 281 11.99 18.63 -0.79
C ALA A 281 11.09 19.38 0.21
N GLY A 282 10.90 18.79 1.38
CA GLY A 282 10.07 19.39 2.40
C GLY A 282 10.74 20.57 3.10
N ASP A 283 12.05 20.48 3.26
CA ASP A 283 12.81 21.53 3.93
C ASP A 283 13.17 22.67 2.98
N MET A 284 12.53 22.67 1.81
CA MET A 284 12.81 23.68 0.81
C MET A 284 11.51 24.34 0.33
N ASP A 285 11.56 25.65 0.10
CA ASP A 285 10.41 26.39 -0.43
C ASP A 285 10.68 26.97 -1.81
N LEU A 286 9.71 26.86 -2.70
CA LEU A 286 9.84 27.35 -4.06
C LEU A 286 9.58 28.85 -4.14
N GLU A 287 10.49 29.58 -4.77
CA GLU A 287 10.35 31.03 -4.90
C GLU A 287 10.46 31.47 -6.35
N TRP A 288 9.35 31.98 -6.88
CA TRP A 288 9.35 32.52 -8.22
C TRP A 288 10.16 33.81 -8.28
N ARG A 289 11.29 33.75 -8.97
CA ARG A 289 12.15 34.91 -9.12
C ARG A 289 11.72 35.73 -10.33
N GLN A 290 11.32 36.97 -10.08
CA GLN A 290 10.89 37.88 -11.14
C GLN A 290 11.50 39.26 -10.95
N GLY A 291 11.46 40.08 -12.00
CA GLY A 291 12.00 41.42 -11.94
C GLY A 291 13.44 41.45 -11.47
N ARG A 292 13.70 42.12 -10.37
CA ARG A 292 15.05 42.20 -9.82
C ARG A 292 15.16 41.35 -8.56
N MET A 293 14.78 41.98 -7.45
CA MET A 293 14.90 41.40 -6.13
C MET A 293 13.54 40.92 -5.63
N ALA A 294 12.62 40.73 -6.56
CA ALA A 294 11.25 40.35 -6.22
C ALA A 294 11.02 38.85 -6.36
N ARG A 295 10.58 38.22 -5.27
CA ARG A 295 10.32 36.78 -5.28
C ARG A 295 9.32 36.40 -4.20
N ILE A 296 8.32 35.64 -4.58
CA ILE A 296 7.31 35.17 -3.64
C ILE A 296 7.49 33.68 -3.35
N ILE A 297 7.07 33.25 -2.16
CA ILE A 297 7.17 31.85 -1.78
C ILE A 297 5.86 31.11 -2.06
N LEU A 298 5.81 30.43 -3.20
CA LEU A 298 4.64 29.65 -3.59
C LEU A 298 4.53 28.35 -2.80
N GLN A 299 3.55 28.28 -1.91
CA GLN A 299 3.34 27.08 -1.12
C GLN A 299 2.37 26.13 -1.81
N ASP A 300 2.56 24.83 -1.60
CA ASP A 300 1.68 23.83 -2.19
C ASP A 300 0.24 24.01 -1.72
N GLU A 301 0.08 24.68 -0.58
CA GLU A 301 -1.24 24.94 -0.03
C GLU A 301 -1.19 26.06 1.00
N ASP A 302 -1.46 27.28 0.57
CA ASP A 302 -1.44 28.44 1.45
C ASP A 302 -2.77 29.17 1.43
N VAL A 303 -2.72 30.48 1.63
CA VAL A 303 -3.92 31.31 1.65
C VAL A 303 -4.56 31.41 0.27
N THR A 304 -3.73 31.55 -0.76
CA THR A 304 -4.22 31.65 -2.14
C THR A 304 -4.46 30.27 -2.73
N THR A 305 -5.63 29.72 -2.46
CA THR A 305 -5.97 28.38 -2.93
C THR A 305 -7.37 28.33 -3.51
N LYS A 306 -7.50 27.63 -4.63
CA LYS A 306 -8.79 27.50 -5.30
C LYS A 306 -9.63 26.38 -4.68
N ILE A 307 -10.94 26.56 -4.74
CA ILE A 307 -11.91 25.56 -4.29
C ILE A 307 -13.30 26.17 -4.16
N ASP A 308 -14.33 25.36 -4.42
CA ASP A 308 -15.71 25.82 -4.28
C ASP A 308 -16.36 25.17 -3.07
N ASN A 309 -16.56 23.85 -3.13
CA ASN A 309 -17.16 23.12 -2.03
C ASN A 309 -16.15 22.67 -0.98
N ASP A 310 -16.65 21.92 0.00
CA ASP A 310 -15.84 21.35 1.06
C ASP A 310 -14.79 20.39 0.47
N TRP A 311 -13.66 20.97 0.09
CA TRP A 311 -12.57 20.19 -0.49
C TRP A 311 -11.36 21.08 -0.69
N LYS A 312 -10.18 20.46 -0.66
CA LYS A 312 -8.93 21.19 -0.83
C LYS A 312 -8.35 20.93 -2.21
N ARG A 313 -7.92 22.01 -2.88
CA ARG A 313 -7.36 21.89 -4.21
C ARG A 313 -5.85 22.17 -4.21
N LEU A 314 -5.06 21.13 -4.42
CA LEU A 314 -3.60 21.26 -4.48
C LEU A 314 -3.21 22.37 -5.45
N ASN A 315 -2.35 23.28 -4.99
CA ASN A 315 -1.90 24.39 -5.83
C ASN A 315 -0.94 23.94 -6.92
N THR A 316 -1.23 24.33 -8.16
CA THR A 316 -0.41 23.94 -9.30
C THR A 316 0.22 25.15 -10.01
N LEU A 317 0.74 24.92 -11.21
CA LEU A 317 1.39 25.99 -11.97
C LEU A 317 0.37 26.96 -12.57
N ALA A 318 -0.57 26.42 -13.35
CA ALA A 318 -1.60 27.24 -13.96
C ALA A 318 -2.43 27.98 -12.92
N HIS A 319 -2.64 27.34 -11.77
CA HIS A 319 -3.35 27.97 -10.65
C HIS A 319 -2.63 29.23 -10.22
N TYR A 320 -1.30 29.17 -10.20
CA TYR A 320 -0.48 30.33 -9.88
C TYR A 320 -0.05 31.06 -11.15
N GLN A 321 -0.49 30.56 -12.30
CA GLN A 321 -0.12 31.16 -13.58
C GLN A 321 1.40 31.29 -13.75
N VAL A 322 2.05 30.20 -14.14
CA VAL A 322 3.50 30.20 -14.33
C VAL A 322 3.85 30.39 -15.80
N THR A 323 4.82 31.25 -16.07
CA THR A 323 5.22 31.55 -17.45
C THR A 323 6.45 30.74 -17.86
N ASP A 324 6.53 30.42 -19.15
CA ASP A 324 7.65 29.68 -19.70
C ASP A 324 8.96 30.42 -19.49
N GLY A 325 10.02 29.69 -19.19
CA GLY A 325 11.35 30.26 -19.04
C GLY A 325 11.52 31.01 -17.73
N SER A 326 10.49 30.97 -16.88
CA SER A 326 10.51 31.66 -15.61
C SER A 326 11.73 31.30 -14.78
N SER A 327 12.30 32.29 -14.10
CA SER A 327 13.44 32.05 -13.23
C SER A 327 12.96 31.65 -11.83
N VAL A 328 13.69 30.73 -11.19
CA VAL A 328 13.26 30.16 -9.92
C VAL A 328 14.44 29.72 -9.07
N ALA A 329 14.27 29.77 -7.75
CA ALA A 329 15.33 29.36 -6.83
C ALA A 329 14.77 28.62 -5.62
N LEU A 330 15.54 27.65 -5.14
CA LEU A 330 15.17 26.90 -3.93
C LEU A 330 15.74 27.58 -2.68
N VAL A 331 14.86 27.91 -1.75
CA VAL A 331 15.28 28.58 -0.51
C VAL A 331 14.87 27.77 0.72
N PRO A 332 15.64 27.89 1.80
CA PRO A 332 15.33 27.23 3.07
C PRO A 332 13.89 27.49 3.50
N LYS A 333 13.14 26.41 3.72
CA LYS A 333 11.73 26.52 4.06
C LYS A 333 11.50 27.17 5.43
N GLN A 334 10.73 28.26 5.43
CA GLN A 334 10.38 28.94 6.66
C GLN A 334 9.46 30.13 6.39
N LEU A 383 -8.73 16.39 -0.45
CA LEU A 383 -7.86 16.98 -1.46
C LEU A 383 -7.92 16.18 -2.77
N TRP A 384 -7.66 16.86 -3.88
CA TRP A 384 -7.61 16.22 -5.19
C TRP A 384 -6.62 16.96 -6.09
N HIS A 385 -6.13 16.30 -7.14
CA HIS A 385 -5.15 16.91 -8.05
C HIS A 385 -5.70 17.10 -9.45
N LEU A 386 -5.67 16.03 -10.24
CA LEU A 386 -6.18 16.06 -11.61
C LEU A 386 -7.44 15.22 -11.75
N VAL A 387 -7.25 13.96 -12.13
CA VAL A 387 -8.37 13.06 -12.41
C VAL A 387 -9.36 13.02 -11.25
N LYS A 388 -10.63 12.87 -11.57
CA LYS A 388 -11.68 12.85 -10.56
C LYS A 388 -12.81 11.89 -10.91
N ASN A 389 -12.67 10.63 -10.51
CA ASN A 389 -13.72 9.64 -10.74
C ASN A 389 -14.90 9.87 -9.81
N ILE A 408 -10.65 1.73 -27.01
CA ILE A 408 -9.30 1.22 -27.16
C ILE A 408 -8.30 2.04 -26.36
N TYR A 409 -8.47 2.03 -25.04
CA TYR A 409 -7.58 2.76 -24.14
C TYR A 409 -6.33 1.93 -23.85
N LEU A 410 -5.97 1.07 -24.80
CA LEU A 410 -4.83 0.18 -24.65
C LEU A 410 -3.65 0.70 -25.45
N THR A 411 -3.95 1.49 -26.48
CA THR A 411 -2.93 2.02 -27.38
C THR A 411 -1.80 2.74 -26.65
N ARG A 412 -2.13 3.39 -25.54
CA ARG A 412 -1.12 4.10 -24.76
C ARG A 412 -0.21 3.14 -24.00
N LEU A 413 -0.79 2.04 -23.51
CA LEU A 413 -0.04 1.04 -22.76
C LEU A 413 1.09 0.45 -23.60
N LEU A 414 0.82 0.24 -24.88
CA LEU A 414 1.83 -0.29 -25.79
C LEU A 414 2.94 0.73 -26.03
N ALA A 415 2.59 2.01 -25.94
CA ALA A 415 3.56 3.08 -26.09
C ALA A 415 4.64 2.97 -25.03
N THR A 416 4.23 2.72 -23.78
CA THR A 416 5.16 2.57 -22.68
C THR A 416 5.87 1.23 -22.72
N LYS A 417 5.12 0.18 -23.04
CA LYS A 417 5.67 -1.16 -23.11
C LYS A 417 6.71 -1.27 -24.22
N GLY A 418 6.55 -0.45 -25.26
CA GLY A 418 7.47 -0.46 -26.39
C GLY A 418 8.69 0.42 -26.17
N THR A 419 8.47 1.57 -25.54
CA THR A 419 9.54 2.53 -25.28
C THR A 419 10.58 1.94 -24.32
N LEU A 420 10.10 1.22 -23.32
CA LEU A 420 10.97 0.63 -22.31
C LEU A 420 11.35 -0.79 -22.69
N GLN A 421 10.81 -1.27 -23.81
CA GLN A 421 11.09 -2.62 -24.28
C GLN A 421 12.60 -2.88 -24.32
N LYS A 422 13.37 -1.85 -24.62
CA LYS A 422 14.82 -1.97 -24.71
C LYS A 422 15.47 -2.04 -23.33
N PHE A 423 15.15 -1.09 -22.47
CA PHE A 423 15.77 -1.01 -21.15
C PHE A 423 15.69 -2.33 -20.39
N VAL A 424 14.63 -3.08 -20.64
CA VAL A 424 14.39 -4.33 -19.92
C VAL A 424 15.24 -5.47 -20.48
N ASP A 425 15.11 -5.74 -21.76
CA ASP A 425 15.90 -6.80 -22.41
C ASP A 425 17.37 -6.68 -22.02
N ASP A 426 17.82 -5.46 -21.77
CA ASP A 426 19.21 -5.22 -21.37
C ASP A 426 19.48 -5.85 -20.01
N LEU A 427 18.56 -5.66 -19.08
CA LEU A 427 18.72 -6.17 -17.72
C LEU A 427 18.53 -7.68 -17.66
N PHE A 428 17.45 -8.17 -18.26
CA PHE A 428 17.16 -9.59 -18.31
C PHE A 428 18.27 -10.36 -19.03
N GLU A 429 19.04 -9.67 -19.87
CA GLU A 429 20.15 -10.29 -20.57
C GLU A 429 21.38 -10.39 -19.67
N THR A 430 21.66 -9.30 -18.94
CA THR A 430 22.85 -9.26 -18.08
C THR A 430 22.58 -9.91 -16.73
N ILE A 431 21.38 -10.44 -16.56
CA ILE A 431 21.06 -11.23 -15.37
C ILE A 431 21.29 -12.68 -15.71
N PHE A 432 20.85 -13.06 -16.91
CA PHE A 432 21.04 -14.39 -17.46
C PHE A 432 22.25 -14.41 -18.39
N SER A 433 23.35 -13.83 -17.94
CA SER A 433 24.59 -13.81 -18.71
C SER A 433 25.71 -14.46 -17.93
N THR A 434 26.40 -15.40 -18.56
CA THR A 434 27.52 -16.09 -17.94
C THR A 434 28.78 -15.24 -18.03
N ALA A 435 29.08 -14.76 -19.23
CA ALA A 435 30.21 -13.86 -19.46
C ALA A 435 29.71 -12.52 -19.99
N HIS A 436 29.93 -11.46 -19.22
CA HIS A 436 29.44 -10.15 -19.58
C HIS A 436 30.44 -9.04 -19.26
N ARG A 437 30.83 -8.29 -20.29
CA ARG A 437 31.74 -7.15 -20.12
C ARG A 437 32.98 -7.52 -19.32
N GLY A 438 33.75 -8.49 -19.83
CA GLY A 438 34.97 -8.91 -19.18
C GLY A 438 34.73 -9.70 -17.91
N SER A 439 33.71 -9.30 -17.15
CA SER A 439 33.38 -9.98 -15.90
C SER A 439 32.67 -11.30 -16.16
N ALA A 440 33.19 -12.37 -15.57
CA ALA A 440 32.59 -13.69 -15.70
C ALA A 440 31.47 -13.87 -14.69
N LEU A 441 30.93 -15.09 -14.61
CA LEU A 441 29.88 -15.41 -13.67
C LEU A 441 30.42 -15.45 -12.25
N PRO A 442 29.72 -14.80 -11.30
CA PRO A 442 30.17 -14.82 -9.91
C PRO A 442 30.26 -16.26 -9.42
N LEU A 443 31.32 -16.57 -8.68
CA LEU A 443 31.51 -17.93 -8.18
C LEU A 443 30.31 -18.37 -7.35
N ALA A 444 29.77 -17.44 -6.57
CA ALA A 444 28.60 -17.71 -5.74
C ALA A 444 27.57 -18.53 -6.52
N ILE A 445 27.19 -18.05 -7.69
CA ILE A 445 26.16 -18.68 -8.50
C ILE A 445 26.55 -20.08 -8.99
N LYS A 446 27.61 -20.15 -9.78
CA LYS A 446 28.12 -21.42 -10.28
C LYS A 446 28.27 -22.46 -9.17
N TYR A 447 28.98 -22.08 -8.11
CA TYR A 447 29.23 -22.98 -6.99
C TYR A 447 27.93 -23.49 -6.39
N MET A 448 26.92 -22.63 -6.34
CA MET A 448 25.63 -22.99 -5.75
C MET A 448 24.79 -23.83 -6.72
N PHE A 449 24.94 -23.57 -8.01
CA PHE A 449 24.23 -24.32 -9.02
C PHE A 449 24.87 -25.70 -9.23
N ASP A 450 26.17 -25.79 -8.97
CA ASP A 450 26.84 -27.07 -8.94
C ASP A 450 26.27 -27.90 -7.79
N PHE A 451 26.04 -27.23 -6.66
CA PHE A 451 25.53 -27.87 -5.47
C PHE A 451 24.15 -28.50 -5.69
N LEU A 452 23.23 -27.73 -6.26
CA LEU A 452 21.88 -28.23 -6.50
C LEU A 452 21.87 -29.37 -7.50
N ASP A 453 22.82 -29.34 -8.43
CA ASP A 453 22.95 -30.43 -9.41
C ASP A 453 23.44 -31.69 -8.71
N GLU A 454 24.26 -31.52 -7.68
CA GLU A 454 24.73 -32.64 -6.88
C GLU A 454 23.57 -33.30 -6.17
N GLN A 455 22.89 -32.56 -5.31
CA GLN A 455 21.74 -33.09 -4.58
C GLN A 455 20.72 -33.68 -5.53
N ALA A 456 20.63 -33.13 -6.73
CA ALA A 456 19.69 -33.62 -7.73
C ALA A 456 20.15 -34.96 -8.30
N ASP A 457 21.44 -35.05 -8.61
CA ASP A 457 22.01 -36.31 -9.09
C ASP A 457 22.13 -37.30 -7.94
N LYS A 458 22.04 -36.79 -6.72
CA LYS A 458 22.13 -37.63 -5.53
C LYS A 458 20.84 -38.42 -5.30
N HIS A 459 19.75 -37.97 -5.93
CA HIS A 459 18.45 -38.61 -5.77
C HIS A 459 17.88 -39.07 -7.12
N GLN A 460 18.77 -39.28 -8.08
CA GLN A 460 18.39 -39.74 -9.41
C GLN A 460 17.21 -38.96 -9.98
N ILE A 461 17.22 -37.64 -9.77
CA ILE A 461 16.17 -36.78 -10.26
C ILE A 461 16.47 -36.30 -11.69
N HIS A 462 16.17 -37.14 -12.66
CA HIS A 462 16.51 -36.87 -14.05
C HIS A 462 15.63 -35.76 -14.68
N ASP A 463 14.49 -35.49 -14.05
CA ASP A 463 13.55 -34.49 -14.59
C ASP A 463 14.19 -33.11 -14.57
N SER A 464 14.48 -32.58 -15.76
CA SER A 464 15.10 -31.26 -15.89
C SER A 464 14.18 -30.17 -15.34
N ASP A 465 12.87 -30.37 -15.48
CA ASP A 465 11.91 -29.39 -14.98
C ASP A 465 12.11 -29.17 -13.49
N VAL A 466 12.45 -30.25 -12.78
CA VAL A 466 12.63 -30.17 -11.33
C VAL A 466 13.79 -29.27 -10.94
N ARG A 467 15.00 -29.64 -11.34
CA ARG A 467 16.18 -28.87 -10.97
C ARG A 467 16.20 -27.48 -11.62
N HIS A 468 15.36 -27.30 -12.63
CA HIS A 468 15.22 -25.99 -13.25
C HIS A 468 14.50 -25.05 -12.29
N THR A 469 13.56 -25.62 -11.53
CA THR A 469 12.73 -24.88 -10.60
C THR A 469 13.37 -24.72 -9.22
N TRP A 470 14.33 -25.59 -8.91
CA TRP A 470 15.12 -25.43 -7.69
C TRP A 470 16.01 -24.21 -7.85
N LYS A 471 16.61 -24.07 -9.01
CA LYS A 471 17.51 -22.95 -9.29
C LYS A 471 16.75 -21.62 -9.31
N SER A 472 15.63 -21.58 -10.01
CA SER A 472 14.81 -20.38 -10.08
C SER A 472 14.43 -19.91 -8.68
N ASN A 473 13.89 -20.85 -7.88
CA ASN A 473 13.45 -20.53 -6.53
C ASN A 473 14.60 -20.19 -5.58
N CYS A 474 15.82 -20.19 -6.09
CA CYS A 474 16.99 -19.89 -5.27
C CYS A 474 17.57 -18.52 -5.57
N LEU A 475 17.94 -18.30 -6.82
CA LEU A 475 18.60 -17.06 -7.22
C LEU A 475 17.61 -16.02 -7.75
N PRO A 476 17.00 -16.29 -8.93
CA PRO A 476 16.13 -15.32 -9.60
C PRO A 476 14.94 -14.87 -8.74
N LEU A 477 14.11 -15.83 -8.34
CA LEU A 477 12.87 -15.52 -7.64
C LEU A 477 13.04 -15.16 -6.17
N ARG A 478 14.30 -15.05 -5.72
CA ARG A 478 14.55 -14.73 -4.31
C ARG A 478 15.40 -13.47 -4.13
N PHE A 479 16.54 -13.42 -4.82
CA PHE A 479 17.46 -12.28 -4.71
C PHE A 479 17.28 -11.24 -5.81
N TRP A 480 17.02 -11.70 -7.03
CA TRP A 480 16.88 -10.80 -8.17
C TRP A 480 15.55 -10.06 -8.15
N VAL A 481 14.46 -10.82 -8.11
CA VAL A 481 13.12 -10.23 -8.10
C VAL A 481 12.99 -9.24 -6.93
N ASN A 482 13.83 -9.42 -5.93
CA ASN A 482 13.82 -8.58 -4.72
C ASN A 482 14.35 -7.16 -4.97
N VAL A 483 15.39 -7.02 -5.78
CA VAL A 483 15.98 -5.71 -6.05
C VAL A 483 15.43 -5.07 -7.32
N ILE A 484 14.66 -5.82 -8.10
CA ILE A 484 13.96 -5.25 -9.26
C ILE A 484 12.73 -4.50 -8.79
N LYS A 485 12.03 -5.08 -7.82
CA LYS A 485 10.91 -4.43 -7.16
C LYS A 485 11.41 -3.40 -6.15
N ASN A 486 12.63 -3.64 -5.66
CA ASN A 486 13.24 -2.73 -4.67
C ASN A 486 14.67 -2.33 -5.02
N PRO A 487 14.81 -1.38 -5.96
CA PRO A 487 16.13 -0.93 -6.42
C PRO A 487 16.75 0.11 -5.49
N GLN A 488 16.07 0.47 -4.41
CA GLN A 488 16.61 1.41 -3.45
C GLN A 488 17.49 0.70 -2.42
N PHE A 489 17.49 -0.62 -2.47
CA PHE A 489 18.35 -1.43 -1.61
C PHE A 489 19.77 -1.40 -2.16
N VAL A 490 19.88 -1.25 -3.47
CA VAL A 490 21.17 -1.24 -4.15
C VAL A 490 21.68 0.18 -4.34
N PHE A 491 20.78 1.08 -4.70
CA PHE A 491 21.17 2.46 -4.97
C PHE A 491 20.75 3.38 -3.82
N ASP A 492 21.37 4.56 -3.79
CA ASP A 492 21.00 5.60 -2.84
C ASP A 492 19.99 6.54 -3.50
N ILE A 493 18.78 6.04 -3.69
CA ILE A 493 17.74 6.78 -4.40
C ILE A 493 16.42 6.83 -3.63
N HIS A 494 15.41 7.45 -4.23
CA HIS A 494 14.11 7.62 -3.60
C HIS A 494 12.99 7.23 -4.57
N LYS A 495 12.57 5.98 -4.50
CA LYS A 495 11.50 5.48 -5.36
C LYS A 495 10.16 6.12 -5.00
N ASN A 496 9.60 6.88 -5.94
CA ASN A 496 8.31 7.53 -5.72
C ASN A 496 7.12 6.58 -5.90
N SER A 497 5.92 7.14 -5.94
CA SER A 497 4.69 6.37 -6.02
C SER A 497 4.56 5.57 -7.32
N ILE A 498 4.44 6.29 -8.43
CA ILE A 498 4.20 5.67 -9.73
C ILE A 498 5.34 4.74 -10.16
N THR A 499 6.58 5.11 -9.88
CA THR A 499 7.73 4.30 -10.27
C THR A 499 7.63 2.88 -9.71
N ASP A 500 7.10 2.76 -8.51
CA ASP A 500 6.97 1.46 -7.85
C ASP A 500 5.90 0.61 -8.52
N ALA A 501 4.95 1.27 -9.18
CA ALA A 501 3.85 0.58 -9.83
C ALA A 501 4.24 0.09 -11.23
N CYS A 502 5.48 0.36 -11.61
CA CYS A 502 5.99 -0.05 -12.91
C CYS A 502 7.02 -1.15 -12.76
N LEU A 503 7.82 -1.06 -11.70
CA LEU A 503 8.80 -2.08 -11.38
C LEU A 503 8.12 -3.38 -10.98
N SER A 504 6.91 -3.25 -10.46
CA SER A 504 6.13 -4.43 -10.10
C SER A 504 5.73 -5.19 -11.36
N VAL A 505 5.30 -4.46 -12.39
CA VAL A 505 4.87 -5.09 -13.63
C VAL A 505 6.03 -5.79 -14.33
N VAL A 506 7.23 -5.23 -14.21
CA VAL A 506 8.42 -5.87 -14.74
C VAL A 506 8.82 -7.05 -13.85
N ALA A 507 8.73 -6.84 -12.54
CA ALA A 507 9.06 -7.88 -11.58
C ALA A 507 8.14 -9.09 -11.73
N GLN A 508 6.91 -8.83 -12.14
CA GLN A 508 5.94 -9.90 -12.35
C GLN A 508 6.32 -10.70 -13.58
N THR A 509 6.67 -10.00 -14.65
CA THR A 509 7.09 -10.65 -15.89
C THR A 509 8.37 -11.42 -15.68
N PHE A 510 9.21 -10.92 -14.78
CA PHE A 510 10.48 -11.56 -14.46
C PHE A 510 10.25 -12.92 -13.82
N MET A 511 9.30 -12.99 -12.90
CA MET A 511 8.95 -14.25 -12.26
C MET A 511 8.41 -15.23 -13.29
N ASP A 512 7.41 -14.80 -14.05
CA ASP A 512 6.75 -15.66 -15.03
C ASP A 512 7.74 -16.29 -15.99
N SER A 513 8.81 -15.56 -16.31
CA SER A 513 9.82 -16.02 -17.24
C SER A 513 10.70 -17.10 -16.62
N CYS A 514 10.77 -17.10 -15.29
CA CYS A 514 11.53 -18.10 -14.56
C CYS A 514 10.74 -19.39 -14.36
N SER A 515 9.43 -19.25 -14.15
CA SER A 515 8.57 -20.40 -13.96
C SER A 515 8.60 -21.30 -15.18
N THR A 516 8.63 -22.61 -14.95
CA THR A 516 8.63 -23.59 -16.04
C THR A 516 7.21 -23.82 -16.54
N SER A 517 6.23 -23.48 -15.71
CA SER A 517 4.82 -23.66 -16.05
C SER A 517 4.36 -22.63 -17.06
N GLU A 518 3.40 -23.01 -17.91
CA GLU A 518 2.85 -22.11 -18.91
C GLU A 518 1.77 -21.21 -18.31
N HIS A 519 1.09 -20.46 -19.16
CA HIS A 519 0.04 -19.55 -18.70
C HIS A 519 -0.92 -19.18 -19.83
N LYS A 520 -2.15 -18.84 -19.47
CA LYS A 520 -3.16 -18.46 -20.45
C LYS A 520 -3.75 -17.08 -20.14
N PRO A 526 -4.30 -10.40 -15.90
CA PRO A 526 -4.79 -10.26 -17.27
C PRO A 526 -3.99 -9.23 -18.05
N SER A 527 -3.99 -7.99 -17.59
CA SER A 527 -3.27 -6.91 -18.24
C SER A 527 -1.79 -7.26 -18.41
N ASN A 528 -1.17 -7.73 -17.34
CA ASN A 528 0.23 -8.12 -17.36
C ASN A 528 0.52 -9.24 -18.34
N LYS A 529 -0.17 -10.36 -18.18
CA LYS A 529 0.05 -11.54 -19.03
C LYS A 529 -0.23 -11.27 -20.51
N LEU A 530 -1.01 -10.23 -20.79
CA LEU A 530 -1.37 -9.90 -22.17
C LEU A 530 -0.30 -9.04 -22.84
N LEU A 531 0.26 -8.09 -22.09
CA LEU A 531 1.29 -7.22 -22.62
C LEU A 531 2.49 -8.03 -23.09
N TYR A 532 3.08 -8.78 -22.18
CA TYR A 532 4.30 -9.54 -22.46
C TYR A 532 4.00 -11.00 -22.83
N ALA A 533 2.85 -11.22 -23.46
CA ALA A 533 2.46 -12.56 -23.88
C ALA A 533 3.41 -13.09 -24.95
N LYS A 534 3.92 -12.18 -25.78
CA LYS A 534 4.82 -12.56 -26.86
C LYS A 534 6.28 -12.31 -26.50
N ASP A 535 6.56 -12.19 -25.21
CA ASP A 535 7.92 -11.97 -24.74
C ASP A 535 8.32 -13.02 -23.71
N ILE A 536 7.33 -13.50 -22.95
CA ILE A 536 7.55 -14.52 -21.94
C ILE A 536 8.24 -15.78 -22.48
N PRO A 537 7.82 -16.24 -23.67
CA PRO A 537 8.48 -17.40 -24.27
C PRO A 537 9.98 -17.21 -24.39
N ASN A 538 10.39 -16.02 -24.84
CA ASN A 538 11.79 -15.72 -25.09
C ASN A 538 12.61 -15.58 -23.80
N TYR A 539 12.13 -14.79 -22.87
CA TYR A 539 12.78 -14.64 -21.57
C TYR A 539 12.99 -15.99 -20.90
N LYS A 540 12.15 -16.96 -21.24
CA LYS A 540 12.30 -18.32 -20.72
C LYS A 540 13.51 -19.00 -21.35
N SER A 541 13.59 -18.97 -22.68
CA SER A 541 14.70 -19.59 -23.38
C SER A 541 16.03 -19.09 -22.83
N TRP A 542 16.05 -17.85 -22.37
CA TRP A 542 17.26 -17.28 -21.78
C TRP A 542 17.59 -17.98 -20.46
N VAL A 543 16.58 -18.12 -19.61
CA VAL A 543 16.78 -18.71 -18.29
C VAL A 543 17.18 -20.19 -18.38
N GLU A 544 16.85 -20.82 -19.51
CA GLU A 544 17.29 -22.19 -19.77
C GLU A 544 18.75 -22.19 -20.17
N ARG A 545 19.05 -21.53 -21.29
CA ARG A 545 20.42 -21.41 -21.77
C ARG A 545 21.34 -20.98 -20.64
N TYR A 546 20.86 -20.05 -19.83
CA TYR A 546 21.64 -19.53 -18.71
C TYR A 546 22.02 -20.63 -17.72
N TYR A 547 21.05 -21.49 -17.39
CA TYR A 547 21.31 -22.60 -16.49
C TYR A 547 22.20 -23.66 -17.16
N ALA A 548 21.94 -23.91 -18.44
CA ALA A 548 22.70 -24.92 -19.18
C ALA A 548 24.18 -24.55 -19.23
N ASP A 549 24.47 -23.30 -19.55
CA ASP A 549 25.83 -22.79 -19.66
C ASP A 549 26.62 -22.98 -18.36
N ILE A 550 25.98 -22.71 -17.24
CA ILE A 550 26.60 -22.87 -15.93
C ILE A 550 26.93 -24.35 -15.69
N ALA A 551 26.11 -25.24 -16.26
CA ALA A 551 26.29 -26.67 -16.09
C ALA A 551 27.44 -27.22 -16.96
N LYS A 552 27.62 -26.61 -18.13
CA LYS A 552 28.68 -27.04 -19.05
C LYS A 552 30.04 -26.62 -18.51
N MET A 553 30.09 -25.48 -17.84
CA MET A 553 31.33 -24.94 -17.31
C MET A 553 32.06 -25.92 -16.40
N PRO A 554 33.38 -25.76 -16.28
CA PRO A 554 34.20 -26.56 -15.36
C PRO A 554 33.97 -26.15 -13.92
N ALA A 555 33.87 -27.12 -13.02
CA ALA A 555 33.55 -26.84 -11.63
C ALA A 555 34.58 -25.95 -10.94
N ILE A 556 34.32 -25.65 -9.67
CA ILE A 556 35.27 -24.91 -8.84
C ILE A 556 35.79 -25.81 -7.74
N SER A 557 37.10 -25.91 -7.63
CA SER A 557 37.72 -26.76 -6.61
C SER A 557 37.41 -26.24 -5.21
N ASP A 558 37.16 -27.16 -4.29
CA ASP A 558 36.89 -26.80 -2.91
C ASP A 558 38.00 -25.92 -2.34
N GLN A 559 39.13 -25.90 -3.03
CA GLN A 559 40.27 -25.08 -2.63
C GLN A 559 40.11 -23.64 -3.10
N ASP A 560 39.74 -23.48 -4.36
CA ASP A 560 39.57 -22.14 -4.94
C ASP A 560 38.39 -21.41 -4.29
N MET A 561 37.36 -22.16 -3.94
CA MET A 561 36.18 -21.58 -3.32
C MET A 561 36.49 -21.05 -1.93
N SER A 562 37.26 -21.82 -1.17
CA SER A 562 37.67 -21.40 0.17
C SER A 562 38.60 -20.21 0.11
N ALA A 563 39.20 -19.98 -1.06
CA ALA A 563 40.08 -18.84 -1.27
C ALA A 563 39.25 -17.61 -1.62
N TYR A 564 38.29 -17.78 -2.52
CA TYR A 564 37.40 -16.69 -2.92
C TYR A 564 36.51 -16.25 -1.76
N LEU A 565 36.05 -17.20 -0.96
CA LEU A 565 35.21 -16.90 0.19
C LEU A 565 35.99 -16.18 1.27
N ALA A 566 37.24 -16.60 1.46
CA ALA A 566 38.11 -15.96 2.44
C ALA A 566 38.39 -14.52 2.04
N GLU A 567 38.44 -14.27 0.74
CA GLU A 567 38.65 -12.93 0.22
C GLU A 567 37.47 -12.04 0.55
N GLN A 568 36.26 -12.50 0.21
CA GLN A 568 35.04 -11.75 0.46
C GLN A 568 34.70 -11.71 1.95
N SER A 569 35.46 -12.45 2.76
CA SER A 569 35.23 -12.51 4.19
C SER A 569 36.14 -11.55 4.93
N ARG A 570 37.29 -11.25 4.34
CA ARG A 570 38.26 -10.34 4.95
C ARG A 570 37.98 -8.89 4.57
N LEU A 571 37.62 -8.68 3.30
CA LEU A 571 37.32 -7.34 2.82
C LEU A 571 36.22 -6.68 3.64
N HIS A 572 35.21 -7.46 4.00
CA HIS A 572 34.09 -6.96 4.78
C HIS A 572 34.02 -7.66 6.14
N LEU A 573 35.18 -7.87 6.75
CA LEU A 573 35.27 -8.56 8.03
C LEU A 573 34.53 -7.80 9.13
N SER A 574 35.14 -6.71 9.60
CA SER A 574 34.54 -5.91 10.66
C SER A 574 33.78 -4.72 10.08
N GLN A 575 32.95 -4.99 9.07
CA GLN A 575 32.13 -3.95 8.46
C GLN A 575 30.90 -3.66 9.33
N PHE A 576 30.63 -4.53 10.28
CA PHE A 576 29.48 -4.38 11.15
C PHE A 576 29.82 -4.81 12.57
N ASN A 577 29.32 -4.07 13.56
CA ASN A 577 29.56 -4.40 14.96
C ASN A 577 29.07 -5.81 15.30
N SER A 578 30.01 -6.75 15.31
CA SER A 578 29.68 -8.15 15.56
C SER A 578 29.16 -8.38 16.97
N MET A 579 29.51 -7.48 17.88
CA MET A 579 29.08 -7.58 19.26
C MET A 579 27.55 -7.50 19.36
N SER A 580 26.97 -6.55 18.64
CA SER A 580 25.52 -6.36 18.65
C SER A 580 24.80 -7.59 18.12
N ALA A 581 25.36 -8.19 17.07
CA ALA A 581 24.74 -9.35 16.43
C ALA A 581 24.91 -10.63 17.25
N LEU A 582 26.04 -10.75 17.94
CA LEU A 582 26.32 -11.94 18.72
C LEU A 582 25.59 -11.91 20.05
N HIS A 583 25.41 -10.71 20.60
CA HIS A 583 24.68 -10.53 21.85
C HIS A 583 23.20 -10.76 21.63
N GLU A 584 22.73 -10.43 20.43
CA GLU A 584 21.33 -10.61 20.07
C GLU A 584 20.97 -12.09 20.00
N ILE A 585 21.85 -12.89 19.40
CA ILE A 585 21.63 -14.32 19.29
C ILE A 585 21.55 -14.96 20.67
N TYR A 586 22.41 -14.52 21.58
CA TYR A 586 22.43 -15.03 22.94
C TYR A 586 21.08 -14.86 23.63
N SER A 587 20.34 -13.83 23.23
CA SER A 587 19.04 -13.55 23.83
C SER A 587 18.05 -14.67 23.56
N TYR A 588 18.27 -15.40 22.47
CA TYR A 588 17.37 -16.48 22.08
C TYR A 588 17.70 -17.79 22.79
N ILE A 589 18.99 -18.05 22.96
CA ILE A 589 19.45 -19.27 23.62
C ILE A 589 18.99 -19.34 25.06
N ALA A 590 18.47 -18.23 25.57
CA ALA A 590 17.94 -18.17 26.92
C ALA A 590 16.49 -18.61 26.96
N LYS A 591 15.77 -18.34 25.89
CA LYS A 591 14.35 -18.68 25.80
C LYS A 591 14.13 -20.18 25.91
N TYR A 592 14.72 -20.93 24.97
CA TYR A 592 14.55 -22.37 24.94
C TYR A 592 15.83 -23.09 25.37
N LYS A 593 16.48 -22.57 26.41
CA LYS A 593 17.72 -23.15 26.93
C LYS A 593 17.53 -24.62 27.30
N ASP A 594 16.30 -24.99 27.65
CA ASP A 594 16.01 -26.37 28.02
C ASP A 594 16.28 -27.34 26.87
N GLU A 595 15.46 -27.25 25.83
CA GLU A 595 15.59 -28.12 24.66
C GLU A 595 17.00 -28.08 24.07
N ILE A 596 17.61 -26.90 24.08
CA ILE A 596 18.96 -26.73 23.54
C ILE A 596 19.98 -27.62 24.23
N LEU A 597 19.93 -27.65 25.56
CA LEU A 597 20.89 -28.43 26.35
C LEU A 597 20.62 -29.93 26.27
N VAL A 598 19.36 -30.29 26.09
CA VAL A 598 18.97 -31.69 25.99
C VAL A 598 19.50 -32.31 24.70
N ALA A 599 19.49 -31.53 23.63
CA ALA A 599 19.98 -31.99 22.34
C ALA A 599 21.51 -31.92 22.26
N LEU A 600 22.09 -30.93 22.91
CA LEU A 600 23.55 -30.82 22.98
C LEU A 600 24.14 -31.91 23.84
N GLU A 601 23.26 -32.70 24.45
CA GLU A 601 23.69 -33.82 25.28
C GLU A 601 23.17 -35.13 24.70
N LYS A 602 22.31 -35.01 23.68
CA LYS A 602 21.73 -36.18 23.03
C LYS A 602 22.64 -36.67 21.90
N ASP A 603 22.96 -35.76 20.99
CA ASP A 603 23.85 -36.08 19.86
C ASP A 603 25.24 -36.47 20.36
N GLU A 604 25.67 -37.68 20.03
CA GLU A 604 26.97 -38.17 20.46
C GLU A 604 28.10 -37.25 20.02
N GLN A 605 27.83 -36.43 19.02
CA GLN A 605 28.82 -35.51 18.50
C GLN A 605 29.11 -34.39 19.50
N ALA A 606 28.10 -33.58 19.79
CA ALA A 606 28.25 -32.45 20.71
C ALA A 606 28.61 -32.92 22.12
N ARG A 607 28.44 -34.21 22.38
CA ARG A 607 28.74 -34.77 23.70
C ARG A 607 30.19 -35.24 23.78
N ARG A 608 30.68 -35.86 22.70
CA ARG A 608 32.03 -36.37 22.66
C ARG A 608 33.06 -35.25 22.88
N GLN A 609 32.86 -34.14 22.18
CA GLN A 609 33.76 -33.00 22.30
C GLN A 609 33.34 -32.09 23.45
N ARG A 610 32.76 -32.69 24.49
CA ARG A 610 32.25 -31.95 25.64
C ARG A 610 31.84 -30.52 25.30
N LEU A 611 30.93 -30.38 24.34
CA LEU A 611 30.45 -29.07 23.92
C LEU A 611 29.39 -28.54 24.89
N ARG A 612 28.61 -29.45 25.45
CA ARG A 612 27.57 -29.08 26.41
C ARG A 612 28.16 -28.33 27.61
N SER A 613 29.40 -28.65 27.94
CA SER A 613 30.09 -28.00 29.04
C SER A 613 30.43 -26.56 28.69
N LYS A 614 31.03 -26.36 27.53
CA LYS A 614 31.37 -25.01 27.06
C LYS A 614 30.10 -24.17 26.95
N LEU A 615 28.97 -24.84 26.71
CA LEU A 615 27.69 -24.15 26.60
C LEU A 615 27.23 -23.66 27.98
N GLU A 616 27.31 -24.54 28.97
CA GLU A 616 26.91 -24.16 30.33
C GLU A 616 27.77 -23.02 30.88
N GLN A 617 29.04 -23.00 30.50
CA GLN A 617 29.94 -21.95 30.93
C GLN A 617 29.59 -20.62 30.28
N VAL A 618 29.11 -20.69 29.04
CA VAL A 618 28.74 -19.49 28.31
C VAL A 618 27.49 -18.82 28.88
N VAL A 619 26.54 -19.63 29.31
CA VAL A 619 25.27 -19.12 29.83
C VAL A 619 25.43 -18.47 31.21
N ASP A 620 25.97 -19.23 32.16
CA ASP A 620 26.15 -18.73 33.53
C ASP A 620 26.94 -17.42 33.54
N THR A 621 28.10 -17.45 32.89
CA THR A 621 28.98 -16.28 32.85
C THR A 621 28.23 -15.02 32.45
N MET A 622 27.54 -15.09 31.31
CA MET A 622 26.79 -13.96 30.79
C MET A 622 25.71 -13.51 31.78
N LYS B 9 -2.61 -32.25 35.15
CA LYS B 9 -1.58 -32.87 34.32
C LYS B 9 -1.97 -34.30 33.95
N ARG B 10 -3.02 -34.81 34.58
CA ARG B 10 -3.49 -36.16 34.31
C ARG B 10 -3.93 -36.31 32.86
N LEU B 11 -4.59 -35.28 32.33
CA LEU B 11 -5.06 -35.29 30.96
C LEU B 11 -4.01 -34.72 30.01
N GLN B 12 -3.11 -33.91 30.55
CA GLN B 12 -2.05 -33.30 29.76
C GLN B 12 -1.03 -34.33 29.30
N LEU B 13 -0.92 -35.42 30.07
CA LEU B 13 0.01 -36.50 29.74
C LEU B 13 -0.62 -37.50 28.79
N GLN B 14 -1.95 -37.45 28.67
CA GLN B 14 -2.68 -38.37 27.82
C GLN B 14 -2.63 -37.95 26.36
N MET B 15 -2.30 -36.70 26.11
CA MET B 15 -2.22 -36.18 24.74
C MET B 15 -0.84 -36.42 24.16
N ASP B 16 0.19 -36.20 24.96
CA ASP B 16 1.57 -36.36 24.51
C ASP B 16 1.78 -37.70 23.83
N ASN B 17 1.10 -38.73 24.33
CA ASN B 17 1.20 -40.06 23.75
C ASN B 17 0.49 -40.15 22.40
N LEU B 18 -0.75 -39.66 22.36
CA LEU B 18 -1.54 -39.71 21.15
C LEU B 18 -0.91 -38.90 20.03
N GLU B 19 -0.15 -37.88 20.39
CA GLU B 19 0.48 -37.01 19.40
C GLU B 19 1.76 -37.64 18.88
N SER B 20 2.40 -38.47 19.72
CA SER B 20 3.62 -39.15 19.34
C SER B 20 3.32 -40.45 18.60
N ARG B 21 2.04 -40.81 18.56
CA ARG B 21 1.61 -42.02 17.86
C ARG B 21 1.16 -41.67 16.46
N VAL B 22 0.87 -40.40 16.23
CA VAL B 22 0.37 -39.94 14.94
C VAL B 22 1.25 -38.85 14.34
N ALA B 23 2.32 -38.50 15.05
CA ALA B 23 3.25 -37.49 14.60
C ALA B 23 3.78 -37.83 13.20
N LEU B 24 4.06 -39.12 12.99
CA LEU B 24 4.57 -39.57 11.69
C LEU B 24 3.47 -39.58 10.65
N GLU B 25 2.23 -39.76 11.10
CA GLU B 25 1.09 -39.79 10.20
C GLU B 25 0.78 -38.40 9.66
N CYS B 26 1.06 -37.38 10.47
CA CYS B 26 0.84 -36.00 10.06
C CYS B 26 1.80 -35.62 8.93
N LYS B 27 3.07 -35.97 9.09
CA LYS B 27 4.08 -35.64 8.10
C LYS B 27 3.84 -36.37 6.78
N GLU B 28 3.13 -37.50 6.87
CA GLU B 28 2.81 -38.29 5.68
C GLU B 28 1.55 -37.77 5.01
N ALA B 29 0.78 -36.98 5.74
CA ALA B 29 -0.46 -36.43 5.21
C ALA B 29 -0.25 -35.03 4.64
N PHE B 30 0.26 -34.13 5.47
CA PHE B 30 0.50 -32.75 5.07
C PHE B 30 1.22 -32.66 3.73
N ALA B 31 2.10 -33.62 3.47
CA ALA B 31 2.90 -33.61 2.25
C ALA B 31 2.05 -33.95 1.03
N GLU B 32 1.17 -34.94 1.17
CA GLU B 32 0.31 -35.37 0.07
C GLU B 32 -0.85 -34.41 -0.12
N LEU B 33 -0.86 -33.34 0.68
CA LEU B 33 -1.92 -32.34 0.59
C LEU B 33 -1.35 -31.05 -0.01
N GLN B 34 -0.15 -30.68 0.44
CA GLN B 34 0.50 -29.46 -0.03
C GLN B 34 0.84 -29.60 -1.52
N THR B 35 1.02 -30.84 -1.96
CA THR B 35 1.30 -31.13 -3.35
C THR B 35 -0.01 -31.37 -4.10
N ASP B 36 -1.07 -31.56 -3.34
CA ASP B 36 -2.40 -31.78 -3.90
C ASP B 36 -3.11 -30.44 -4.14
N ILE B 37 -2.54 -29.38 -3.58
CA ILE B 37 -3.11 -28.04 -3.73
C ILE B 37 -2.33 -27.22 -4.75
N HIS B 38 -1.03 -27.50 -4.88
CA HIS B 38 -0.19 -26.84 -5.88
C HIS B 38 -0.77 -27.05 -7.28
N GLU B 39 -1.21 -28.28 -7.54
CA GLU B 39 -1.79 -28.61 -8.83
C GLU B 39 -3.08 -27.84 -9.09
N LEU B 40 -3.73 -27.41 -8.01
CA LEU B 40 -4.99 -26.68 -8.11
C LEU B 40 -4.77 -25.18 -8.20
N THR B 41 -3.62 -24.72 -7.72
CA THR B 41 -3.32 -23.30 -7.70
C THR B 41 -2.39 -22.90 -8.85
N SER B 42 -2.10 -23.85 -9.74
CA SER B 42 -1.23 -23.59 -10.86
C SER B 42 -1.74 -24.26 -12.14
N ASP B 43 -1.06 -24.00 -13.25
CA ASP B 43 -1.43 -24.57 -14.54
C ASP B 43 -2.88 -24.25 -14.90
N GLY B 48 -4.50 -18.16 -10.71
CA GLY B 48 -4.78 -16.98 -9.91
C GLY B 48 -5.90 -17.21 -8.91
N ILE B 49 -5.83 -16.50 -7.79
CA ILE B 49 -6.84 -16.63 -6.74
C ILE B 49 -8.15 -15.96 -7.13
N PRO B 50 -9.27 -16.68 -7.00
CA PRO B 50 -10.61 -16.19 -7.35
C PRO B 50 -11.12 -15.15 -6.35
N PHE B 51 -10.66 -13.91 -6.49
CA PHE B 51 -11.08 -12.85 -5.58
C PHE B 51 -12.45 -12.27 -5.96
N LEU B 52 -13.22 -11.95 -4.94
CA LEU B 52 -14.54 -11.35 -5.11
C LEU B 52 -14.39 -9.84 -5.24
N ASP B 53 -14.70 -9.30 -6.41
CA ASP B 53 -14.48 -7.88 -6.68
C ASP B 53 -14.92 -6.97 -5.52
N TYR B 54 -14.26 -5.82 -5.41
CA TYR B 54 -14.51 -4.89 -4.31
C TYR B 54 -15.98 -4.55 -4.13
N ARG B 55 -16.74 -4.59 -5.23
CA ARG B 55 -18.17 -4.29 -5.18
C ARG B 55 -18.93 -5.37 -4.41
N THR B 56 -18.77 -6.62 -4.82
CA THR B 56 -19.44 -7.75 -4.20
C THR B 56 -18.70 -8.19 -2.93
N TYR B 57 -17.64 -7.45 -2.61
CA TYR B 57 -16.84 -7.74 -1.41
C TYR B 57 -17.47 -7.15 -0.16
N ALA B 58 -17.90 -5.89 -0.25
CA ALA B 58 -18.45 -5.18 0.89
C ALA B 58 -19.94 -5.50 1.11
N MET B 59 -20.71 -5.57 0.02
CA MET B 59 -22.14 -5.87 0.12
C MET B 59 -22.39 -7.11 0.99
N ARG B 60 -21.62 -8.16 0.75
CA ARG B 60 -21.79 -9.42 1.49
C ARG B 60 -21.37 -9.28 2.95
N VAL B 61 -20.55 -8.27 3.24
CA VAL B 61 -20.07 -8.05 4.61
C VAL B 61 -21.05 -7.21 5.42
N LEU B 62 -21.47 -6.09 4.85
CA LEU B 62 -22.32 -5.14 5.56
C LEU B 62 -23.75 -5.64 5.69
N PHE B 63 -24.30 -6.12 4.57
CA PHE B 63 -25.67 -6.62 4.52
C PHE B 63 -25.65 -8.12 4.35
N PRO B 64 -25.50 -8.86 5.46
CA PRO B 64 -25.35 -10.32 5.42
C PRO B 64 -26.52 -11.02 4.73
N GLY B 65 -26.22 -11.80 3.69
CA GLY B 65 -27.23 -12.58 3.01
C GLY B 65 -28.15 -11.77 2.12
N ILE B 66 -27.72 -10.57 1.74
CA ILE B 66 -28.50 -9.74 0.84
C ILE B 66 -27.96 -9.76 -0.59
N GLU B 67 -28.53 -10.63 -1.41
CA GLU B 67 -28.13 -10.73 -2.81
C GLU B 67 -28.95 -9.79 -3.67
N ASP B 68 -28.31 -9.22 -4.69
CA ASP B 68 -28.98 -8.27 -5.57
C ASP B 68 -29.50 -7.05 -4.81
N HIS B 69 -28.65 -6.48 -3.96
CA HIS B 69 -29.02 -5.31 -3.17
C HIS B 69 -29.19 -4.08 -4.04
N PRO B 70 -30.09 -3.16 -3.63
CA PRO B 70 -30.39 -1.93 -4.36
C PRO B 70 -29.26 -0.91 -4.30
N VAL B 71 -28.08 -1.33 -3.87
CA VAL B 71 -26.93 -0.44 -3.79
C VAL B 71 -25.92 -0.75 -4.89
N LEU B 72 -26.16 -1.86 -5.58
CA LEU B 72 -25.27 -2.29 -6.64
C LEU B 72 -25.82 -1.95 -8.03
N LYS B 73 -26.77 -2.75 -8.50
CA LYS B 73 -27.31 -2.58 -9.85
C LYS B 73 -28.47 -1.59 -9.94
N GLU B 74 -28.68 -0.82 -8.87
CA GLU B 74 -29.75 0.16 -8.85
C GLU B 74 -29.22 1.56 -9.14
N MET B 75 -29.55 2.08 -10.31
CA MET B 75 -29.11 3.41 -10.72
C MET B 75 -30.05 4.01 -11.75
N GLU B 76 -31.29 4.27 -11.34
CA GLU B 76 -32.30 4.83 -12.23
C GLU B 76 -32.25 6.36 -12.24
N VAL B 77 -32.84 6.96 -13.26
CA VAL B 77 -32.89 8.40 -13.39
C VAL B 77 -34.25 8.91 -12.92
N GLN B 78 -34.32 10.20 -12.59
CA GLN B 78 -35.55 10.80 -12.14
C GLN B 78 -35.55 12.29 -12.46
N ALA B 79 -36.52 13.02 -11.91
CA ALA B 79 -36.61 14.46 -12.12
C ALA B 79 -36.79 15.18 -10.79
N ASN B 80 -37.39 14.49 -9.82
CA ASN B 80 -37.66 15.07 -8.51
C ASN B 80 -36.63 14.62 -7.48
N VAL B 81 -35.68 13.81 -7.90
CA VAL B 81 -34.66 13.29 -7.00
C VAL B 81 -33.29 13.91 -7.29
N GLU B 82 -33.09 14.36 -8.53
CA GLU B 82 -31.84 14.96 -8.94
C GLU B 82 -31.49 16.17 -8.09
N LYS B 83 -32.41 17.12 -8.03
CA LYS B 83 -32.20 18.36 -7.29
C LYS B 83 -31.91 18.08 -5.82
N SER B 84 -32.42 16.97 -5.33
CA SER B 84 -32.24 16.59 -3.93
C SER B 84 -30.85 15.98 -3.68
N LEU B 85 -30.20 15.56 -4.76
CA LEU B 85 -28.88 14.95 -4.64
C LEU B 85 -27.88 15.93 -4.04
N THR B 86 -27.79 17.11 -4.64
CA THR B 86 -26.92 18.17 -4.14
C THR B 86 -27.31 18.55 -2.72
N LEU B 87 -28.61 18.58 -2.46
CA LEU B 87 -29.13 18.95 -1.15
C LEU B 87 -28.53 18.08 -0.04
N PHE B 88 -29.01 16.85 0.07
CA PHE B 88 -28.52 15.95 1.11
C PHE B 88 -27.04 15.66 0.96
N GLY B 89 -26.55 15.72 -0.28
CA GLY B 89 -25.14 15.49 -0.56
C GLY B 89 -24.20 16.46 0.13
N GLN B 90 -24.57 17.74 0.15
CA GLN B 90 -23.77 18.76 0.77
C GLN B 90 -24.11 18.88 2.26
N LEU B 91 -25.40 18.85 2.55
CA LEU B 91 -25.89 18.95 3.93
C LEU B 91 -25.20 17.95 4.84
N LEU B 92 -25.10 16.71 4.37
CA LEU B 92 -24.48 15.64 5.13
C LEU B 92 -22.97 15.85 5.22
N THR B 93 -22.37 16.43 4.19
CA THR B 93 -20.92 16.65 4.16
C THR B 93 -20.45 17.47 5.36
N LYS B 94 -21.28 18.41 5.81
CA LYS B 94 -20.94 19.25 6.96
C LYS B 94 -20.67 18.40 8.20
N LYS B 95 -19.45 18.49 8.73
CA LYS B 95 -19.07 17.69 9.89
C LYS B 95 -20.14 17.70 10.97
N HIS B 96 -20.32 18.83 11.64
CA HIS B 96 -21.24 18.93 12.77
C HIS B 96 -22.59 18.30 12.45
N PHE B 97 -23.14 18.65 11.29
CA PHE B 97 -24.46 18.13 10.93
C PHE B 97 -24.57 16.60 11.00
N LEU B 98 -23.75 15.91 10.22
CA LEU B 98 -23.73 14.44 10.26
C LEU B 98 -23.73 13.90 11.70
N LEU B 99 -22.93 14.52 12.56
CA LEU B 99 -22.86 14.13 13.96
C LEU B 99 -24.23 14.28 14.62
N THR B 100 -24.91 15.37 14.29
CA THR B 100 -26.23 15.65 14.83
C THR B 100 -27.26 14.65 14.29
N PHE B 101 -27.20 14.40 12.98
CA PHE B 101 -28.13 13.46 12.36
C PHE B 101 -28.03 12.08 12.99
N ILE B 102 -26.84 11.72 13.43
CA ILE B 102 -26.62 10.42 14.07
C ILE B 102 -26.93 10.47 15.57
N ARG B 103 -26.36 11.46 16.24
CA ARG B 103 -26.56 11.62 17.68
C ARG B 103 -28.04 11.70 18.05
N THR B 104 -28.83 12.32 17.18
CA THR B 104 -30.27 12.45 17.39
C THR B 104 -30.99 11.12 17.17
N LEU B 105 -30.55 10.37 16.16
CA LEU B 105 -31.14 9.09 15.85
C LEU B 105 -30.88 8.06 16.97
N GLU B 106 -29.71 8.11 17.57
CA GLU B 106 -29.36 7.18 18.64
C GLU B 106 -30.17 7.44 19.91
N ALA B 107 -30.45 8.70 20.18
CA ALA B 107 -31.17 9.09 21.39
C ALA B 107 -32.65 8.74 21.31
N GLN B 108 -33.09 8.22 20.15
CA GLN B 108 -34.49 7.86 19.95
C GLN B 108 -34.76 6.39 20.30
N ARG B 109 -36.03 6.09 20.53
CA ARG B 109 -36.44 4.72 20.87
C ARG B 109 -37.12 4.05 19.70
N SER B 110 -36.80 4.52 18.49
CA SER B 110 -37.39 3.98 17.27
C SER B 110 -36.70 2.71 16.81
N PHE B 111 -35.55 2.87 16.16
CA PHE B 111 -34.82 1.75 15.57
C PHE B 111 -33.76 1.18 16.52
N SER B 112 -33.36 -0.07 16.26
CA SER B 112 -32.43 -0.77 17.14
C SER B 112 -31.15 -1.19 16.42
N MET B 113 -30.41 -2.11 17.03
CA MET B 113 -29.14 -2.59 16.48
C MET B 113 -29.23 -3.01 15.01
N ARG B 114 -30.40 -3.46 14.59
CA ARG B 114 -30.61 -3.87 13.21
C ARG B 114 -30.56 -2.68 12.27
N ASP B 115 -31.21 -1.59 12.66
CA ASP B 115 -31.33 -0.42 11.81
C ASP B 115 -30.17 0.55 11.98
N ARG B 116 -29.52 0.51 13.13
CA ARG B 116 -28.32 1.30 13.37
C ARG B 116 -27.16 0.75 12.55
N GLY B 117 -27.13 -0.57 12.40
CA GLY B 117 -26.07 -1.23 11.66
C GLY B 117 -26.16 -0.91 10.18
N ASN B 118 -27.38 -0.89 9.65
CA ASN B 118 -27.60 -0.61 8.24
C ASN B 118 -27.36 0.85 7.87
N VAL B 119 -27.62 1.77 8.78
CA VAL B 119 -27.33 3.17 8.55
C VAL B 119 -25.82 3.40 8.55
N ALA B 120 -25.13 2.63 9.38
CA ALA B 120 -23.67 2.68 9.45
C ALA B 120 -23.05 2.11 8.17
N SER B 121 -23.88 1.47 7.36
CA SER B 121 -23.44 0.89 6.09
C SER B 121 -23.92 1.73 4.91
N LEU B 122 -24.97 2.51 5.13
CA LEU B 122 -25.52 3.37 4.07
C LEU B 122 -24.76 4.69 4.00
N ILE B 123 -24.34 5.18 5.15
CA ILE B 123 -23.55 6.40 5.21
C ILE B 123 -22.19 6.19 4.57
N MET B 124 -21.59 5.02 4.82
CA MET B 124 -20.28 4.70 4.26
C MET B 124 -20.36 4.36 2.78
N THR B 125 -21.53 3.89 2.33
CA THR B 125 -21.73 3.53 0.93
C THR B 125 -22.05 4.76 0.09
N ALA B 126 -21.86 5.93 0.68
CA ALA B 126 -22.06 7.19 -0.03
C ALA B 126 -20.91 8.16 0.28
N LEU B 127 -20.40 8.09 1.50
CA LEU B 127 -19.27 8.91 1.91
C LEU B 127 -17.96 8.36 1.35
N GLN B 128 -18.07 7.32 0.53
CA GLN B 128 -16.91 6.69 -0.10
C GLN B 128 -16.03 7.72 -0.81
N GLY B 129 -16.67 8.69 -1.46
CA GLY B 129 -15.97 9.71 -2.21
C GLY B 129 -15.08 10.59 -1.35
N GLU B 130 -15.42 10.68 -0.07
CA GLU B 130 -14.67 11.52 0.86
C GLU B 130 -14.20 10.73 2.08
N MET B 131 -13.42 9.68 1.84
CA MET B 131 -12.90 8.84 2.93
C MET B 131 -12.19 9.69 3.98
N GLU B 132 -11.45 10.69 3.51
CA GLU B 132 -10.76 11.62 4.40
C GLU B 132 -11.74 12.14 5.45
N TYR B 133 -12.86 12.66 4.98
CA TYR B 133 -13.91 13.19 5.85
C TYR B 133 -14.54 12.08 6.68
N ALA B 134 -14.91 10.99 6.01
CA ALA B 134 -15.54 9.86 6.67
C ALA B 134 -14.72 9.41 7.86
N THR B 135 -13.40 9.49 7.72
CA THR B 135 -12.50 9.10 8.80
C THR B 135 -12.53 10.13 9.93
N GLY B 136 -12.58 11.40 9.56
CA GLY B 136 -12.64 12.48 10.54
C GLY B 136 -13.86 12.36 11.43
N VAL B 137 -14.98 11.96 10.85
CA VAL B 137 -16.24 11.81 11.58
C VAL B 137 -16.25 10.58 12.45
N LEU B 138 -15.91 9.43 11.86
CA LEU B 138 -15.89 8.17 12.59
C LEU B 138 -15.07 8.29 13.86
N LYS B 139 -13.91 8.92 13.75
CA LYS B 139 -13.04 9.13 14.90
C LYS B 139 -13.77 9.91 15.98
N GLN B 140 -14.54 10.91 15.57
CA GLN B 140 -15.31 11.71 16.50
C GLN B 140 -16.38 10.85 17.16
N LEU B 141 -17.00 9.97 16.38
CA LEU B 141 -18.01 9.05 16.91
C LEU B 141 -17.41 8.20 18.01
N LEU B 142 -16.29 7.55 17.70
CA LEU B 142 -15.61 6.70 18.66
C LEU B 142 -15.24 7.47 19.92
N SER B 143 -14.73 8.68 19.75
CA SER B 143 -14.30 9.50 20.87
C SER B 143 -15.44 9.67 21.88
N ASP B 144 -16.60 10.08 21.39
CA ASP B 144 -17.76 10.25 22.25
C ASP B 144 -18.28 8.91 22.75
N LEU B 145 -18.24 7.90 21.88
CA LEU B 145 -18.72 6.57 22.22
C LEU B 145 -18.02 6.02 23.46
N ILE B 146 -16.71 6.25 23.55
CA ILE B 146 -15.93 5.81 24.69
C ILE B 146 -16.27 6.63 25.93
N GLU B 147 -16.46 7.93 25.73
CA GLU B 147 -16.77 8.85 26.82
C GLU B 147 -18.10 8.50 27.48
N LYS B 148 -19.11 8.23 26.66
CA LYS B 148 -20.43 7.90 27.15
C LYS B 148 -20.40 6.66 28.02
N ASN B 149 -19.44 5.79 27.74
CA ASN B 149 -19.33 4.52 28.45
C ASN B 149 -18.50 4.63 29.73
N LEU B 150 -17.43 5.41 29.66
CA LEU B 150 -16.53 5.54 30.81
C LEU B 150 -17.01 6.61 31.78
N GLU B 151 -18.03 7.36 31.38
CA GLU B 151 -18.61 8.39 32.25
C GLU B 151 -19.68 7.77 33.14
N SER B 152 -20.31 6.71 32.65
CA SER B 152 -21.36 6.02 33.40
C SER B 152 -20.78 4.84 34.17
N LYS B 153 -19.45 4.80 34.26
CA LYS B 153 -18.76 3.74 35.00
C LYS B 153 -19.02 2.36 34.39
N ASN B 154 -18.52 2.14 33.18
CA ASN B 154 -18.60 0.83 32.55
C ASN B 154 -17.22 0.18 32.45
N HIS B 155 -17.13 -1.09 32.82
CA HIS B 155 -15.87 -1.81 32.81
C HIS B 155 -15.20 -1.68 31.44
N PRO B 156 -14.02 -1.02 31.41
CA PRO B 156 -13.30 -0.70 30.17
C PRO B 156 -13.06 -1.92 29.28
N LYS B 157 -12.74 -3.05 29.90
CA LYS B 157 -12.40 -4.26 29.16
C LYS B 157 -13.53 -4.70 28.23
N LEU B 158 -14.70 -4.98 28.80
CA LEU B 158 -15.85 -5.41 28.02
C LEU B 158 -16.57 -4.21 27.42
N LEU B 159 -15.86 -3.45 26.60
CA LEU B 159 -16.42 -2.25 26.00
C LEU B 159 -16.72 -2.44 24.52
N LEU B 160 -15.67 -2.51 23.70
CA LEU B 160 -15.84 -2.63 22.25
C LEU B 160 -16.06 -4.06 21.79
N ARG B 161 -16.50 -4.93 22.71
CA ARG B 161 -16.74 -6.33 22.39
C ARG B 161 -17.93 -6.50 21.47
N ARG B 162 -17.71 -6.27 20.17
CA ARG B 162 -18.75 -6.34 19.15
C ARG B 162 -20.18 -6.14 19.68
N THR B 163 -20.60 -4.88 19.75
CA THR B 163 -21.94 -4.54 20.25
C THR B 163 -22.87 -4.12 19.11
N GLU B 164 -22.30 -3.94 17.92
CA GLU B 164 -23.09 -3.61 16.74
C GLU B 164 -23.89 -2.31 16.90
N SER B 165 -23.21 -1.25 17.35
CA SER B 165 -23.85 0.05 17.48
C SER B 165 -23.63 0.88 16.22
N VAL B 166 -23.93 2.16 16.27
CA VAL B 166 -23.84 3.02 15.08
C VAL B 166 -22.40 3.30 14.68
N ALA B 167 -21.54 3.53 15.68
CA ALA B 167 -20.14 3.86 15.42
C ALA B 167 -19.28 2.60 15.24
N GLU B 168 -19.58 1.57 16.00
CA GLU B 168 -18.83 0.33 15.93
C GLU B 168 -19.11 -0.43 14.63
N LYS B 169 -20.24 -0.15 14.01
CA LYS B 169 -20.58 -0.76 12.74
C LYS B 169 -19.79 -0.07 11.64
N MET B 170 -19.77 1.26 11.68
CA MET B 170 -18.95 2.03 10.76
C MET B 170 -17.49 1.61 10.89
N LEU B 171 -17.12 1.17 12.09
CA LEU B 171 -15.74 0.76 12.37
C LEU B 171 -15.43 -0.57 11.69
N THR B 172 -16.42 -1.45 11.67
CA THR B 172 -16.27 -2.75 11.01
C THR B 172 -16.29 -2.57 9.50
N ASN B 173 -16.87 -1.46 9.05
CA ASN B 173 -16.94 -1.15 7.63
C ASN B 173 -15.72 -0.36 7.17
N TRP B 174 -15.24 0.54 8.04
CA TRP B 174 -14.04 1.32 7.76
C TRP B 174 -12.87 0.40 7.50
N PHE B 175 -12.80 -0.69 8.26
CA PHE B 175 -11.77 -1.70 8.11
C PHE B 175 -12.05 -2.61 6.91
N THR B 176 -13.32 -2.76 6.57
CA THR B 176 -13.71 -3.54 5.40
C THR B 176 -13.17 -2.89 4.13
N PHE B 177 -13.36 -1.58 4.04
CA PHE B 177 -12.91 -0.80 2.88
C PHE B 177 -11.39 -0.76 2.75
N LEU B 178 -10.72 -0.31 3.81
CA LEU B 178 -9.29 -0.04 3.76
C LEU B 178 -8.41 -1.30 3.76
N LEU B 179 -8.96 -2.41 4.24
CA LEU B 179 -8.20 -3.66 4.29
C LEU B 179 -8.57 -4.61 3.16
N TYR B 180 -8.95 -4.05 2.01
CA TYR B 180 -9.23 -4.86 0.83
C TYR B 180 -7.95 -5.15 0.06
N LYS B 181 -7.07 -4.16 -0.02
CA LYS B 181 -5.80 -4.31 -0.72
C LYS B 181 -4.88 -5.25 0.05
N PHE B 182 -5.01 -5.24 1.37
CA PHE B 182 -4.19 -6.08 2.23
C PHE B 182 -4.58 -7.55 2.06
N LEU B 183 -5.67 -7.77 1.33
CA LEU B 183 -6.14 -9.12 1.06
C LEU B 183 -5.62 -9.57 -0.29
N LYS B 184 -5.16 -8.63 -1.09
CA LYS B 184 -4.62 -8.93 -2.41
C LYS B 184 -3.11 -9.18 -2.34
N GLU B 185 -2.46 -8.51 -1.40
CA GLU B 185 -1.00 -8.51 -1.33
C GLU B 185 -0.40 -9.55 -0.38
N CYS B 186 -1.08 -9.83 0.72
CA CYS B 186 -0.53 -10.70 1.75
C CYS B 186 -1.46 -11.82 2.21
N ALA B 187 -2.51 -11.45 2.92
CA ALA B 187 -3.40 -12.40 3.61
C ALA B 187 -4.29 -13.23 2.69
N GLY B 188 -4.58 -12.70 1.50
CA GLY B 188 -5.43 -13.40 0.55
C GLY B 188 -5.02 -14.83 0.27
N GLU B 189 -3.73 -15.05 0.04
CA GLU B 189 -3.24 -16.38 -0.29
C GLU B 189 -3.41 -17.40 0.83
N PRO B 190 -2.77 -17.17 1.99
CA PRO B 190 -2.78 -18.16 3.08
C PRO B 190 -4.20 -18.53 3.51
N LEU B 191 -5.11 -17.56 3.48
CA LEU B 191 -6.50 -17.81 3.83
C LEU B 191 -7.14 -18.79 2.84
N PHE B 192 -6.93 -18.54 1.55
CA PHE B 192 -7.47 -19.38 0.51
C PHE B 192 -6.81 -20.76 0.58
N MET B 193 -5.52 -20.77 0.87
CA MET B 193 -4.77 -22.00 1.02
C MET B 193 -5.37 -22.84 2.15
N LEU B 194 -5.76 -22.18 3.23
CA LEU B 194 -6.42 -22.87 4.33
C LEU B 194 -7.73 -23.48 3.86
N TYR B 195 -8.61 -22.64 3.32
CA TYR B 195 -9.92 -23.07 2.87
C TYR B 195 -9.84 -24.30 1.98
N CYS B 196 -8.82 -24.35 1.15
CA CYS B 196 -8.63 -25.48 0.24
C CYS B 196 -8.04 -26.67 0.99
N ALA B 197 -7.19 -26.38 1.96
CA ALA B 197 -6.56 -27.42 2.77
C ALA B 197 -7.62 -28.23 3.50
N ILE B 198 -8.70 -27.58 3.85
CA ILE B 198 -9.80 -28.21 4.58
C ILE B 198 -10.76 -28.90 3.61
N LYS B 199 -11.23 -28.14 2.63
CA LYS B 199 -12.16 -28.66 1.63
C LYS B 199 -11.62 -29.93 0.98
N GLN B 200 -10.30 -30.03 0.86
CA GLN B 200 -9.66 -31.17 0.23
C GLN B 200 -9.45 -32.33 1.19
N GLN B 201 -9.05 -32.01 2.42
CA GLN B 201 -8.80 -33.05 3.42
C GLN B 201 -10.07 -33.83 3.74
N MET B 202 -11.20 -33.15 3.73
CA MET B 202 -12.49 -33.79 4.01
C MET B 202 -12.81 -34.84 2.97
N GLU B 203 -12.79 -34.43 1.70
CA GLU B 203 -13.09 -35.32 0.60
C GLU B 203 -12.17 -36.53 0.57
N LYS B 204 -11.07 -36.45 1.31
CA LYS B 204 -10.12 -37.57 1.40
C LYS B 204 -10.77 -38.72 2.17
N GLY B 205 -11.84 -38.43 2.87
CA GLY B 205 -12.58 -39.43 3.61
C GLY B 205 -14.06 -39.32 3.34
N PRO B 206 -14.81 -40.41 3.60
CA PRO B 206 -16.25 -40.44 3.34
C PRO B 206 -16.99 -39.27 3.98
N ILE B 207 -17.87 -38.63 3.21
CA ILE B 207 -18.70 -37.55 3.73
C ILE B 207 -20.17 -37.90 3.58
N ASP B 208 -20.90 -37.83 4.70
CA ASP B 208 -22.32 -38.17 4.69
C ASP B 208 -23.15 -37.01 4.14
N ALA B 209 -23.85 -37.27 3.04
CA ALA B 209 -24.65 -36.24 2.38
C ALA B 209 -25.91 -35.91 3.17
N ILE B 210 -26.03 -36.49 4.36
CA ILE B 210 -27.20 -36.27 5.21
C ILE B 210 -26.82 -35.62 6.54
N THR B 211 -25.96 -36.29 7.29
CA THR B 211 -25.56 -35.81 8.60
C THR B 211 -24.53 -34.68 8.52
N GLY B 212 -23.88 -34.56 7.36
CA GLY B 212 -22.86 -33.54 7.17
C GLY B 212 -21.54 -33.93 7.79
N GLU B 213 -21.56 -35.02 8.55
CA GLU B 213 -20.35 -35.52 9.19
C GLU B 213 -19.43 -36.16 8.17
N ALA B 214 -18.15 -36.29 8.52
CA ALA B 214 -17.16 -36.83 7.60
C ALA B 214 -16.18 -37.78 8.29
N ARG B 215 -15.09 -38.09 7.59
CA ARG B 215 -14.06 -38.99 8.10
C ARG B 215 -12.93 -38.24 8.78
N TYR B 216 -12.61 -37.06 8.24
CA TYR B 216 -11.51 -36.26 8.77
C TYR B 216 -12.00 -34.96 9.41
N SER B 217 -13.21 -35.00 9.97
CA SER B 217 -13.77 -33.80 10.59
C SER B 217 -12.87 -33.28 11.70
N LEU B 218 -12.61 -31.98 11.66
CA LEU B 218 -11.83 -31.34 12.71
C LEU B 218 -12.71 -31.06 13.92
N SER B 219 -13.99 -30.79 13.66
CA SER B 219 -14.95 -30.61 14.74
C SER B 219 -15.41 -31.96 15.30
N GLU B 220 -15.32 -32.10 16.63
CA GLU B 220 -15.72 -33.31 17.36
C GLU B 220 -17.21 -33.62 17.16
N ASP B 221 -17.98 -32.58 16.83
CA ASP B 221 -19.42 -32.73 16.64
C ASP B 221 -19.76 -33.40 15.30
N LYS B 222 -19.29 -32.80 14.21
CA LYS B 222 -19.53 -33.33 12.87
C LYS B 222 -18.54 -34.42 12.51
N LEU B 223 -18.06 -35.17 13.52
CA LEU B 223 -17.13 -36.26 13.29
C LEU B 223 -17.84 -37.62 13.33
N ILE B 224 -17.77 -38.34 12.22
CA ILE B 224 -18.32 -39.69 12.13
C ILE B 224 -17.48 -40.72 12.88
N ARG B 225 -18.07 -41.23 13.97
CA ARG B 225 -17.42 -42.17 14.90
C ARG B 225 -17.50 -43.63 14.43
N GLN B 227 -16.78 -47.81 12.88
CA GLN B 227 -16.21 -48.70 11.87
C GLN B 227 -16.69 -48.31 10.47
N ILE B 228 -15.74 -48.20 9.53
CA ILE B 228 -16.06 -47.83 8.16
C ILE B 228 -15.05 -48.41 7.18
N ASP B 229 -15.53 -48.75 5.98
CA ASP B 229 -14.67 -49.33 4.95
C ASP B 229 -14.96 -48.71 3.59
N TYR B 230 -13.93 -48.14 2.97
CA TYR B 230 -14.09 -47.47 1.69
C TYR B 230 -12.85 -47.64 0.79
N LYS B 231 -13.08 -47.71 -0.51
CA LYS B 231 -12.00 -47.82 -1.47
C LYS B 231 -11.93 -46.57 -2.34
N THR B 232 -10.73 -46.23 -2.80
CA THR B 232 -10.53 -45.04 -3.61
C THR B 232 -10.60 -45.37 -5.10
N LEU B 233 -11.33 -44.55 -5.85
CA LEU B 233 -11.45 -44.73 -7.29
C LEU B 233 -10.98 -43.49 -8.05
N THR B 234 -10.93 -43.60 -9.38
CA THR B 234 -10.53 -42.48 -10.23
C THR B 234 -11.19 -42.57 -11.60
N LEU B 235 -12.14 -41.67 -11.85
CA LEU B 235 -12.89 -41.68 -13.09
C LEU B 235 -12.42 -40.58 -14.04
N ASN B 236 -12.20 -40.93 -15.30
CA ASN B 236 -11.81 -39.94 -16.31
C ASN B 236 -13.02 -39.20 -16.87
N CYS B 237 -13.25 -37.99 -16.36
CA CYS B 237 -14.38 -37.18 -16.78
C CYS B 237 -14.05 -36.40 -18.06
N VAL B 238 -14.96 -36.45 -19.02
CA VAL B 238 -14.78 -35.71 -20.27
C VAL B 238 -14.92 -34.21 -20.02
N ASN B 239 -14.27 -33.41 -20.86
CA ASN B 239 -14.30 -31.96 -20.72
C ASN B 239 -15.46 -31.36 -21.51
N PRO B 240 -16.49 -30.90 -20.78
CA PRO B 240 -17.68 -30.26 -21.38
C PRO B 240 -17.39 -28.85 -21.88
N GLU B 241 -16.50 -28.75 -22.87
CA GLU B 241 -16.14 -27.44 -23.42
C GLU B 241 -15.90 -27.51 -24.93
N HIS B 242 -14.90 -28.28 -25.32
CA HIS B 242 -14.54 -28.39 -26.74
C HIS B 242 -14.40 -29.85 -27.16
N GLU B 243 -14.04 -30.70 -26.19
CA GLU B 243 -13.86 -32.13 -26.46
C GLU B 243 -12.83 -32.37 -27.55
N PRO B 246 -9.50 -36.31 -24.76
CA PRO B 246 -9.08 -35.35 -23.74
C PRO B 246 -9.87 -35.56 -22.46
N GLU B 247 -9.58 -36.65 -21.74
CA GLU B 247 -10.27 -36.96 -20.50
C GLU B 247 -9.42 -36.61 -19.29
N VAL B 248 -10.04 -35.99 -18.29
CA VAL B 248 -9.34 -35.57 -17.07
C VAL B 248 -9.67 -36.47 -15.88
N PRO B 249 -8.64 -36.90 -15.14
CA PRO B 249 -8.80 -37.76 -13.96
C PRO B 249 -9.36 -36.99 -12.77
N VAL B 250 -10.30 -37.59 -12.05
CA VAL B 250 -10.86 -36.99 -10.86
C VAL B 250 -10.88 -37.99 -9.71
N LYS B 251 -9.97 -37.78 -8.74
CA LYS B 251 -9.86 -38.67 -7.60
C LYS B 251 -11.14 -38.66 -6.77
N GLY B 252 -11.45 -39.79 -6.14
CA GLY B 252 -12.64 -39.89 -5.31
C GLY B 252 -12.78 -41.25 -4.63
N LEU B 253 -13.93 -41.47 -4.00
CA LEU B 253 -14.21 -42.73 -3.31
C LEU B 253 -15.35 -43.46 -4.01
N ASN B 254 -15.84 -44.52 -3.37
CA ASN B 254 -16.94 -45.29 -3.93
C ASN B 254 -18.27 -45.09 -3.19
N CYS B 255 -18.19 -44.52 -1.99
CA CYS B 255 -19.38 -44.29 -1.19
C CYS B 255 -20.05 -42.96 -1.54
N ASP B 256 -19.38 -42.14 -2.34
CA ASP B 256 -19.88 -40.82 -2.68
C ASP B 256 -21.23 -40.86 -3.36
N THR B 257 -22.15 -40.03 -2.89
CA THR B 257 -23.45 -39.88 -3.53
C THR B 257 -23.24 -39.32 -4.93
N VAL B 258 -24.19 -39.58 -5.82
CA VAL B 258 -24.11 -39.06 -7.18
C VAL B 258 -23.90 -37.55 -7.17
N THR B 259 -24.49 -36.89 -6.18
CA THR B 259 -24.37 -35.44 -6.05
C THR B 259 -22.96 -35.04 -5.62
N GLN B 260 -22.41 -35.76 -4.65
CA GLN B 260 -21.06 -35.48 -4.16
C GLN B 260 -20.03 -35.69 -5.26
N VAL B 261 -20.23 -36.71 -6.08
CA VAL B 261 -19.32 -37.01 -7.18
C VAL B 261 -19.33 -35.88 -8.20
N LYS B 262 -20.53 -35.37 -8.49
CA LYS B 262 -20.68 -34.27 -9.44
C LYS B 262 -19.93 -33.03 -8.95
N GLU B 263 -19.98 -32.77 -7.65
CA GLU B 263 -19.25 -31.67 -7.07
C GLU B 263 -17.75 -31.87 -7.26
N LYS B 264 -17.30 -33.10 -7.08
CA LYS B 264 -15.90 -33.43 -7.26
C LYS B 264 -15.50 -33.32 -8.72
N LEU B 265 -16.47 -33.56 -9.61
CA LEU B 265 -16.22 -33.46 -11.05
C LEU B 265 -16.17 -31.99 -11.49
N LEU B 266 -17.03 -31.17 -10.91
CA LEU B 266 -17.08 -29.74 -11.24
C LEU B 266 -15.82 -29.01 -10.75
N ASP B 267 -15.38 -29.34 -9.55
CA ASP B 267 -14.20 -28.69 -8.98
C ASP B 267 -12.93 -29.13 -9.70
N ALA B 268 -13.03 -30.24 -10.42
CA ALA B 268 -11.90 -30.77 -11.18
C ALA B 268 -11.92 -30.28 -12.62
N VAL B 269 -13.08 -30.37 -13.25
CA VAL B 269 -13.22 -29.95 -14.65
C VAL B 269 -13.20 -28.44 -14.78
N TYR B 270 -13.82 -27.73 -13.85
CA TYR B 270 -13.80 -26.28 -13.84
C TYR B 270 -12.83 -25.76 -12.78
N LYS B 271 -11.62 -26.31 -12.79
CA LYS B 271 -10.60 -25.92 -11.82
C LYS B 271 -10.31 -24.42 -11.89
N GLY B 272 -10.16 -23.89 -13.10
CA GLY B 272 -9.82 -22.51 -13.29
C GLY B 272 -10.97 -21.54 -13.07
N VAL B 273 -12.09 -21.82 -13.74
CA VAL B 273 -13.26 -20.94 -13.66
C VAL B 273 -13.78 -20.79 -12.24
N PRO B 274 -14.05 -19.54 -11.83
CA PRO B 274 -14.64 -19.24 -10.52
C PRO B 274 -15.92 -20.03 -10.30
N TYR B 275 -16.42 -20.04 -9.07
CA TYR B 275 -17.58 -20.86 -8.73
C TYR B 275 -18.90 -20.27 -9.22
N SER B 276 -19.05 -18.95 -9.08
CA SER B 276 -20.28 -18.27 -9.47
C SER B 276 -20.61 -18.49 -10.95
N GLN B 277 -19.60 -18.91 -11.71
CA GLN B 277 -19.76 -19.10 -13.15
C GLN B 277 -20.01 -20.57 -13.49
N ARG B 278 -19.77 -21.46 -12.54
CA ARG B 278 -19.97 -22.89 -12.76
C ARG B 278 -21.44 -23.26 -12.73
N PRO B 279 -21.88 -24.06 -13.72
CA PRO B 279 -23.26 -24.57 -13.73
C PRO B 279 -23.51 -25.40 -12.49
N LYS B 280 -24.62 -25.14 -11.80
CA LYS B 280 -24.94 -25.84 -10.56
C LYS B 280 -24.80 -27.36 -10.72
N ALA B 281 -24.47 -28.03 -9.63
CA ALA B 281 -24.30 -29.48 -9.65
C ALA B 281 -25.63 -30.18 -9.91
N GLY B 282 -26.72 -29.53 -9.53
CA GLY B 282 -28.05 -30.08 -9.74
C GLY B 282 -28.57 -29.79 -11.14
N ASP B 283 -27.99 -28.78 -11.77
CA ASP B 283 -28.38 -28.39 -13.13
C ASP B 283 -27.73 -29.32 -14.14
N MET B 284 -27.10 -30.38 -13.65
CA MET B 284 -26.42 -31.36 -14.50
C MET B 284 -26.92 -32.77 -14.22
N ASP B 285 -26.40 -33.73 -14.99
CA ASP B 285 -26.77 -35.13 -14.82
C ASP B 285 -25.57 -36.03 -15.09
N LEU B 286 -25.15 -36.77 -14.08
CA LEU B 286 -23.99 -37.64 -14.19
C LEU B 286 -24.29 -38.84 -15.08
N GLU B 287 -23.38 -39.14 -16.00
CA GLU B 287 -23.57 -40.24 -16.94
C GLU B 287 -22.41 -41.22 -16.96
N TRP B 288 -22.65 -42.44 -16.49
CA TRP B 288 -21.63 -43.48 -16.48
C TRP B 288 -21.57 -44.19 -17.83
N ARG B 289 -20.71 -43.70 -18.71
CA ARG B 289 -20.58 -44.25 -20.05
C ARG B 289 -20.03 -45.67 -20.03
N GLN B 290 -20.88 -46.64 -20.32
CA GLN B 290 -20.48 -48.05 -20.34
C GLN B 290 -20.69 -48.66 -21.72
N ARG B 295 -24.36 -45.53 -22.25
CA ARG B 295 -24.34 -44.40 -21.36
C ARG B 295 -25.55 -44.47 -20.44
N ILE B 296 -25.29 -44.36 -19.15
CA ILE B 296 -26.32 -44.47 -18.15
C ILE B 296 -26.31 -43.21 -17.31
N ILE B 297 -27.42 -42.92 -16.68
CA ILE B 297 -27.55 -41.70 -15.90
C ILE B 297 -27.84 -42.03 -14.45
N LEU B 298 -27.03 -41.49 -13.55
CA LEU B 298 -27.15 -41.80 -12.13
C LEU B 298 -27.73 -40.62 -11.36
N GLN B 299 -28.50 -40.93 -10.33
CA GLN B 299 -29.15 -39.91 -9.51
C GLN B 299 -29.16 -40.31 -8.03
N ASP B 300 -28.99 -39.32 -7.15
CA ASP B 300 -29.00 -39.56 -5.71
C ASP B 300 -30.26 -40.30 -5.28
N THR B 304 -33.74 -45.91 -8.52
CA THR B 304 -33.44 -47.29 -8.11
C THR B 304 -33.12 -47.37 -6.63
N THR B 305 -33.32 -46.27 -5.92
CA THR B 305 -33.06 -46.22 -4.49
C THR B 305 -33.78 -47.33 -3.74
N LYS B 306 -33.02 -48.32 -3.27
CA LYS B 306 -33.60 -49.46 -2.57
C LYS B 306 -33.80 -49.16 -1.09
N ILE B 307 -34.82 -49.76 -0.49
CA ILE B 307 -35.09 -49.57 0.93
C ILE B 307 -35.02 -50.90 1.68
N ASP B 308 -35.02 -50.83 3.01
CA ASP B 308 -34.95 -52.03 3.84
C ASP B 308 -35.46 -51.75 5.25
N ASN B 309 -36.60 -52.35 5.59
CA ASN B 309 -37.20 -52.20 6.92
C ASN B 309 -37.27 -50.73 7.35
N TRP B 311 -36.86 -44.88 5.76
CA TRP B 311 -35.69 -44.32 5.09
C TRP B 311 -35.43 -45.02 3.76
N LYS B 312 -34.29 -44.74 3.16
CA LYS B 312 -33.91 -45.34 1.88
C LYS B 312 -32.45 -45.08 1.55
N ARG B 313 -31.81 -46.03 0.87
CA ARG B 313 -30.40 -45.91 0.51
C ARG B 313 -30.18 -44.89 -0.59
N LEU B 314 -29.36 -43.88 -0.30
CA LEU B 314 -29.00 -42.88 -1.30
C LEU B 314 -28.04 -43.51 -2.32
N ASN B 315 -28.36 -43.34 -3.59
CA ASN B 315 -27.57 -43.94 -4.66
C ASN B 315 -26.10 -43.52 -4.64
N THR B 316 -25.29 -44.29 -3.94
CA THR B 316 -23.85 -44.02 -3.87
C THR B 316 -23.18 -44.47 -5.16
N LEU B 317 -21.98 -45.03 -5.03
CA LEU B 317 -21.27 -45.57 -6.17
C LEU B 317 -20.58 -46.87 -5.76
N ALA B 318 -20.89 -47.32 -4.55
CA ALA B 318 -20.28 -48.52 -4.00
C ALA B 318 -20.92 -49.76 -4.59
N HIS B 319 -22.14 -50.06 -4.14
CA HIS B 319 -22.87 -51.22 -4.62
C HIS B 319 -23.41 -50.96 -6.03
N TYR B 320 -23.04 -49.82 -6.59
CA TYR B 320 -23.42 -49.47 -7.96
C TYR B 320 -22.53 -50.20 -8.95
N GLN B 321 -21.40 -50.70 -8.45
CA GLN B 321 -20.44 -51.45 -9.26
C GLN B 321 -19.79 -50.59 -10.35
N VAL B 322 -19.31 -49.42 -9.94
CA VAL B 322 -18.59 -48.53 -10.84
C VAL B 322 -17.11 -48.89 -10.81
N THR B 323 -16.70 -49.75 -11.75
CA THR B 323 -15.32 -50.23 -11.82
C THR B 323 -14.32 -49.08 -11.81
N ASP B 324 -13.27 -49.22 -11.01
CA ASP B 324 -12.24 -48.20 -10.92
C ASP B 324 -11.57 -47.95 -12.27
N GLY B 325 -11.53 -46.69 -12.68
CA GLY B 325 -10.92 -46.30 -13.94
C GLY B 325 -11.93 -45.97 -15.02
N SER B 326 -13.21 -46.14 -14.71
CA SER B 326 -14.27 -45.88 -15.67
C SER B 326 -14.30 -44.42 -16.12
N SER B 327 -15.14 -44.13 -17.12
CA SER B 327 -15.24 -42.78 -17.65
C SER B 327 -16.67 -42.27 -17.60
N VAL B 328 -16.90 -41.28 -16.75
CA VAL B 328 -18.22 -40.69 -16.60
C VAL B 328 -18.18 -39.18 -16.83
N ALA B 329 -19.14 -38.68 -17.60
CA ALA B 329 -19.20 -37.25 -17.90
C ALA B 329 -20.52 -36.65 -17.44
N LEU B 330 -20.60 -35.32 -17.47
CA LEU B 330 -21.81 -34.62 -17.04
C LEU B 330 -22.56 -34.04 -18.24
N VAL B 331 -23.88 -33.96 -18.12
CA VAL B 331 -24.71 -33.43 -19.20
C VAL B 331 -25.79 -32.49 -18.66
N PRO B 332 -26.13 -31.46 -19.45
CA PRO B 332 -27.12 -30.45 -19.06
C PRO B 332 -28.51 -31.07 -18.88
N LYS B 333 -29.02 -31.03 -17.65
CA LYS B 333 -30.33 -31.57 -17.34
C LYS B 333 -31.44 -30.69 -17.90
N TRP B 384 -30.96 -42.59 4.20
CA TRP B 384 -29.60 -42.62 4.71
C TRP B 384 -28.58 -42.80 3.59
N HIS B 385 -27.31 -42.60 3.90
CA HIS B 385 -26.26 -42.67 2.90
C HIS B 385 -25.07 -43.48 3.39
N LEU B 386 -24.73 -43.32 4.67
CA LEU B 386 -23.59 -44.01 5.25
C LEU B 386 -23.90 -44.54 6.65
N VAL B 387 -24.37 -43.66 7.52
CA VAL B 387 -24.68 -44.05 8.90
C VAL B 387 -26.02 -44.81 8.97
N LYS B 388 -26.09 -45.78 9.87
CA LYS B 388 -27.30 -46.57 10.03
C LYS B 388 -28.05 -46.18 11.30
N VAL B 405 -13.36 -44.49 26.96
CA VAL B 405 -13.93 -44.23 25.65
C VAL B 405 -13.09 -43.20 24.88
N SER B 406 -12.47 -42.28 25.62
CA SER B 406 -11.64 -41.26 25.00
C SER B 406 -10.25 -41.79 24.68
N GLU B 407 -10.20 -42.97 24.06
CA GLU B 407 -8.95 -43.60 23.69
C GLU B 407 -8.65 -43.42 22.21
N ILE B 408 -9.13 -44.34 21.39
CA ILE B 408 -8.91 -44.29 19.95
C ILE B 408 -9.72 -43.16 19.32
N TYR B 409 -10.90 -42.90 19.85
CA TYR B 409 -11.77 -41.85 19.31
C TYR B 409 -11.21 -40.47 19.65
N LEU B 410 -10.24 -40.41 20.55
CA LEU B 410 -9.65 -39.15 20.96
C LEU B 410 -8.37 -38.83 20.20
N THR B 411 -7.83 -39.84 19.51
CA THR B 411 -6.59 -39.67 18.76
C THR B 411 -6.84 -39.52 17.26
N ARG B 412 -8.07 -39.80 16.83
CA ARG B 412 -8.43 -39.67 15.43
C ARG B 412 -8.77 -38.22 15.07
N LEU B 413 -8.60 -37.34 16.04
CA LEU B 413 -8.79 -35.91 15.82
C LEU B 413 -7.45 -35.21 15.61
N LEU B 414 -6.45 -35.60 16.39
CA LEU B 414 -5.12 -35.04 16.24
C LEU B 414 -4.56 -35.32 14.85
N ALA B 415 -5.15 -36.31 14.18
CA ALA B 415 -4.76 -36.62 12.81
C ALA B 415 -4.85 -35.37 11.94
N THR B 416 -6.03 -34.76 11.92
CA THR B 416 -6.25 -33.54 11.16
C THR B 416 -5.72 -32.32 11.90
N LYS B 417 -5.57 -32.44 13.21
CA LYS B 417 -5.09 -31.35 14.04
C LYS B 417 -3.61 -31.09 13.82
N GLY B 418 -2.87 -32.13 13.47
CA GLY B 418 -1.45 -32.02 13.22
C GLY B 418 -1.15 -31.84 11.74
N THR B 419 -1.99 -32.43 10.90
CA THR B 419 -1.83 -32.29 9.46
C THR B 419 -1.94 -30.84 9.02
N LEU B 420 -3.08 -30.21 9.32
CA LEU B 420 -3.32 -28.83 8.91
C LEU B 420 -2.70 -27.85 9.90
N GLN B 421 -1.92 -28.37 10.84
CA GLN B 421 -1.25 -27.53 11.82
C GLN B 421 -0.46 -26.42 11.15
N LYS B 422 0.08 -26.69 9.96
CA LYS B 422 0.92 -25.72 9.27
C LYS B 422 0.12 -24.59 8.61
N PHE B 423 -0.90 -24.95 7.84
CA PHE B 423 -1.75 -23.96 7.17
C PHE B 423 -2.26 -22.93 8.17
N VAL B 424 -2.67 -23.39 9.35
CA VAL B 424 -3.14 -22.52 10.41
C VAL B 424 -2.04 -21.54 10.82
N ASP B 425 -0.86 -22.08 11.10
CA ASP B 425 0.27 -21.25 11.54
C ASP B 425 0.57 -20.13 10.55
N ASP B 426 0.68 -20.48 9.27
CA ASP B 426 1.00 -19.50 8.25
C ASP B 426 -0.03 -18.37 8.22
N LEU B 427 -1.30 -18.72 8.41
CA LEU B 427 -2.36 -17.73 8.45
C LEU B 427 -2.26 -16.86 9.69
N PHE B 428 -2.19 -17.49 10.85
CA PHE B 428 -2.08 -16.79 12.12
C PHE B 428 -0.78 -15.99 12.21
N GLU B 429 0.15 -16.26 11.30
CA GLU B 429 1.43 -15.59 11.29
C GLU B 429 1.43 -14.32 10.44
N THR B 430 0.70 -14.36 9.33
CA THR B 430 0.62 -13.23 8.42
C THR B 430 -0.41 -12.21 8.90
N ILE B 431 -1.34 -12.65 9.73
CA ILE B 431 -2.33 -11.76 10.32
C ILE B 431 -1.68 -10.88 11.37
N PHE B 432 -0.72 -11.45 12.10
CA PHE B 432 -0.01 -10.72 13.14
C PHE B 432 1.43 -10.41 12.75
N SER B 433 1.61 -10.04 11.49
CA SER B 433 2.92 -9.67 10.98
C SER B 433 2.94 -8.18 10.60
N THR B 434 3.89 -7.45 11.17
CA THR B 434 3.99 -6.02 10.91
C THR B 434 4.34 -5.75 9.44
N ALA B 435 4.89 -6.77 8.77
CA ALA B 435 5.27 -6.63 7.36
C ALA B 435 5.52 -7.99 6.71
N HIS B 436 5.10 -8.11 5.45
CA HIS B 436 5.29 -9.35 4.69
C HIS B 436 5.73 -9.03 3.26
N ARG B 437 5.99 -10.06 2.47
CA ARG B 437 6.41 -9.88 1.08
C ARG B 437 5.21 -9.67 0.16
N GLY B 438 5.06 -8.46 -0.36
CA GLY B 438 6.00 -7.38 -0.08
C GLY B 438 5.31 -6.10 0.34
N SER B 439 4.26 -6.25 1.16
CA SER B 439 3.50 -5.11 1.65
C SER B 439 3.71 -4.92 3.15
N ALA B 440 3.39 -3.72 3.64
CA ALA B 440 3.59 -3.40 5.05
C ALA B 440 2.27 -3.17 5.77
N LEU B 441 2.35 -2.89 7.06
CA LEU B 441 1.18 -2.66 7.89
C LEU B 441 0.30 -1.55 7.31
N PRO B 442 -0.93 -1.89 6.93
CA PRO B 442 -1.86 -0.93 6.32
C PRO B 442 -2.00 0.33 7.15
N LEU B 443 -2.05 1.48 6.50
CA LEU B 443 -2.18 2.75 7.23
C LEU B 443 -3.42 2.73 8.10
N ALA B 444 -4.45 2.04 7.66
CA ALA B 444 -5.66 1.88 8.44
C ALA B 444 -5.33 1.34 9.83
N ILE B 445 -4.71 0.17 9.87
CA ILE B 445 -4.38 -0.46 11.14
C ILE B 445 -3.55 0.46 12.03
N LYS B 446 -2.39 0.89 11.52
CA LYS B 446 -1.49 1.72 12.31
C LYS B 446 -2.17 3.01 12.76
N TYR B 447 -3.12 3.49 11.97
CA TYR B 447 -3.81 4.75 12.25
C TYR B 447 -4.83 4.61 13.38
N MET B 448 -5.57 3.51 13.35
CA MET B 448 -6.61 3.28 14.35
C MET B 448 -6.02 2.91 15.71
N PHE B 449 -5.02 2.03 15.72
CA PHE B 449 -4.38 1.63 16.96
C PHE B 449 -3.76 2.80 17.70
N ASP B 450 -3.28 3.79 16.95
CA ASP B 450 -2.75 5.01 17.54
C ASP B 450 -3.88 5.88 18.09
N PHE B 451 -5.07 5.74 17.52
CA PHE B 451 -6.24 6.46 18.01
C PHE B 451 -6.71 5.83 19.32
N LEU B 452 -6.53 4.52 19.44
CA LEU B 452 -6.90 3.80 20.65
C LEU B 452 -5.85 3.97 21.75
N ASP B 453 -4.61 4.20 21.34
CA ASP B 453 -3.55 4.50 22.31
C ASP B 453 -3.71 5.92 22.83
N GLU B 454 -4.17 6.82 21.96
CA GLU B 454 -4.40 8.21 22.34
C GLU B 454 -5.53 8.32 23.35
N GLN B 455 -6.71 7.82 22.98
CA GLN B 455 -7.88 7.84 23.86
C GLN B 455 -7.58 7.18 25.19
N ALA B 456 -6.80 6.11 25.16
CA ALA B 456 -6.44 5.39 26.37
C ALA B 456 -5.58 6.26 27.29
N ASP B 457 -4.56 6.90 26.72
CA ASP B 457 -3.68 7.77 27.50
C ASP B 457 -4.39 9.04 27.93
N LYS B 458 -5.59 9.26 27.41
CA LYS B 458 -6.36 10.45 27.73
C LYS B 458 -7.10 10.30 29.06
N HIS B 459 -7.23 9.06 29.51
CA HIS B 459 -7.89 8.76 30.77
C HIS B 459 -6.95 8.02 31.72
N GLN B 460 -5.65 8.15 31.49
CA GLN B 460 -4.64 7.47 32.29
C GLN B 460 -4.89 5.96 32.32
N ILE B 461 -5.17 5.38 31.16
CA ILE B 461 -5.40 3.94 31.06
C ILE B 461 -4.08 3.17 31.14
N HIS B 462 -3.48 3.19 32.32
CA HIS B 462 -2.22 2.50 32.58
C HIS B 462 -2.28 1.03 32.20
N ASP B 463 -3.18 0.31 32.85
CA ASP B 463 -3.36 -1.13 32.64
C ASP B 463 -3.31 -1.45 31.16
N SER B 464 -2.35 -2.28 30.77
CA SER B 464 -2.17 -2.64 29.37
C SER B 464 -3.14 -3.73 28.93
N ASP B 465 -3.75 -4.39 29.91
CA ASP B 465 -4.72 -5.45 29.66
C ASP B 465 -6.01 -4.90 29.07
N VAL B 466 -6.34 -3.67 29.44
CA VAL B 466 -7.53 -3.01 28.91
C VAL B 466 -7.31 -2.60 27.46
N ARG B 467 -6.18 -1.96 27.18
CA ARG B 467 -5.87 -1.55 25.82
C ARG B 467 -5.73 -2.74 24.87
N HIS B 468 -5.34 -3.88 25.42
CA HIS B 468 -5.19 -5.10 24.64
C HIS B 468 -6.56 -5.60 24.18
N THR B 469 -7.51 -5.65 25.10
CA THR B 469 -8.87 -6.10 24.78
C THR B 469 -9.54 -5.14 23.78
N TRP B 470 -9.22 -3.86 23.90
CA TRP B 470 -9.76 -2.85 22.98
C TRP B 470 -9.40 -3.17 21.54
N LYS B 471 -8.10 -3.26 21.29
CA LYS B 471 -7.61 -3.55 19.94
C LYS B 471 -8.20 -4.85 19.39
N SER B 472 -8.21 -5.89 20.22
CA SER B 472 -8.77 -7.18 19.84
C SER B 472 -10.23 -7.08 19.44
N ASN B 473 -11.00 -6.31 20.22
CA ASN B 473 -12.42 -6.12 19.92
C ASN B 473 -12.66 -5.28 18.67
N CYS B 474 -11.61 -4.60 18.21
CA CYS B 474 -11.73 -3.69 17.09
C CYS B 474 -11.43 -4.35 15.74
N LEU B 475 -10.32 -5.08 15.67
CA LEU B 475 -9.88 -5.63 14.39
C LEU B 475 -10.02 -7.15 14.27
N PRO B 476 -9.35 -7.92 15.14
CA PRO B 476 -9.33 -9.38 15.02
C PRO B 476 -10.67 -10.03 15.27
N LEU B 477 -11.43 -9.51 16.23
CA LEU B 477 -12.69 -10.12 16.64
C LEU B 477 -13.88 -9.67 15.80
N ARG B 478 -13.66 -8.67 14.96
CA ARG B 478 -14.69 -8.22 14.04
C ARG B 478 -14.35 -8.66 12.62
N PHE B 479 -13.47 -7.89 11.99
CA PHE B 479 -13.11 -8.11 10.60
C PHE B 479 -12.50 -9.49 10.35
N TRP B 480 -11.59 -9.92 11.22
CA TRP B 480 -10.82 -11.15 10.99
C TRP B 480 -11.58 -12.46 11.26
N VAL B 481 -12.15 -12.59 12.46
CA VAL B 481 -12.82 -13.83 12.85
C VAL B 481 -14.08 -14.08 12.01
N ASN B 482 -14.61 -13.02 11.40
CA ASN B 482 -15.75 -13.13 10.52
C ASN B 482 -15.40 -13.81 9.20
N VAL B 483 -14.27 -13.41 8.61
CA VAL B 483 -13.85 -13.91 7.30
C VAL B 483 -13.17 -15.28 7.36
N ILE B 484 -12.78 -15.71 8.55
CA ILE B 484 -12.23 -17.05 8.75
C ILE B 484 -13.37 -18.05 8.79
N LYS B 485 -14.51 -17.58 9.30
CA LYS B 485 -15.69 -18.41 9.40
C LYS B 485 -16.52 -18.30 8.12
N ASN B 486 -16.27 -17.24 7.35
CA ASN B 486 -16.92 -17.03 6.06
C ASN B 486 -15.94 -16.63 4.96
N PRO B 487 -15.22 -17.61 4.41
CA PRO B 487 -14.25 -17.34 3.34
C PRO B 487 -14.90 -16.91 2.03
N GLN B 488 -16.22 -16.98 1.95
CA GLN B 488 -16.94 -16.65 0.71
C GLN B 488 -17.23 -15.16 0.57
N PHE B 489 -16.84 -14.38 1.58
CA PHE B 489 -17.00 -12.93 1.53
C PHE B 489 -15.81 -12.29 0.83
N VAL B 490 -14.71 -13.03 0.79
CA VAL B 490 -13.49 -12.55 0.16
C VAL B 490 -13.27 -13.21 -1.19
N PHE B 491 -13.73 -14.45 -1.34
CA PHE B 491 -13.54 -15.19 -2.58
C PHE B 491 -14.87 -15.54 -3.24
N ASP B 492 -14.80 -16.01 -4.48
CA ASP B 492 -15.99 -16.46 -5.20
C ASP B 492 -16.01 -17.99 -5.22
N ILE B 493 -16.15 -18.58 -4.04
CA ILE B 493 -16.04 -20.02 -3.86
C ILE B 493 -17.34 -20.63 -3.36
N HIS B 494 -17.30 -21.92 -3.03
CA HIS B 494 -18.46 -22.62 -2.50
C HIS B 494 -18.13 -23.28 -1.16
N LYS B 495 -18.49 -22.60 -0.07
CA LYS B 495 -18.27 -23.12 1.27
C LYS B 495 -19.38 -24.08 1.67
N ASN B 496 -19.15 -25.37 1.47
CA ASN B 496 -20.15 -26.38 1.80
C ASN B 496 -20.33 -26.60 3.30
N SER B 497 -21.06 -27.64 3.65
CA SER B 497 -21.39 -27.94 5.04
C SER B 497 -20.16 -28.13 5.92
N ILE B 498 -19.47 -29.26 5.73
CA ILE B 498 -18.34 -29.61 6.59
C ILE B 498 -17.29 -28.50 6.69
N THR B 499 -17.22 -27.68 5.66
CA THR B 499 -16.25 -26.58 5.62
C THR B 499 -16.47 -25.60 6.77
N ASP B 500 -17.68 -25.05 6.87
CA ASP B 500 -18.01 -24.13 7.95
C ASP B 500 -18.13 -24.91 9.27
N ALA B 501 -18.20 -26.22 9.17
CA ALA B 501 -18.30 -27.08 10.34
C ALA B 501 -16.97 -27.18 11.09
N CYS B 502 -15.89 -27.05 10.34
CA CYS B 502 -14.54 -27.11 10.91
C CYS B 502 -13.97 -25.72 11.11
N LEU B 503 -14.15 -24.84 10.13
CA LEU B 503 -13.67 -23.47 10.22
C LEU B 503 -14.11 -22.81 11.52
N SER B 504 -15.27 -23.22 12.03
CA SER B 504 -15.76 -22.70 13.29
C SER B 504 -14.79 -23.04 14.43
N VAL B 505 -14.28 -24.26 14.40
CA VAL B 505 -13.28 -24.68 15.39
C VAL B 505 -12.08 -23.75 15.38
N VAL B 506 -11.62 -23.41 14.18
CA VAL B 506 -10.48 -22.50 14.02
C VAL B 506 -10.84 -21.08 14.47
N ALA B 507 -12.00 -20.61 14.03
CA ALA B 507 -12.43 -19.25 14.34
C ALA B 507 -12.56 -19.06 15.85
N GLN B 508 -12.98 -20.10 16.56
CA GLN B 508 -13.08 -20.03 18.01
C GLN B 508 -11.70 -20.00 18.67
N THR B 509 -10.77 -20.79 18.12
CA THR B 509 -9.39 -20.80 18.59
C THR B 509 -8.77 -19.42 18.43
N PHE B 510 -9.13 -18.77 17.33
CA PHE B 510 -8.64 -17.43 17.03
C PHE B 510 -9.13 -16.43 18.08
N MET B 511 -10.40 -16.57 18.46
CA MET B 511 -11.00 -15.68 19.45
C MET B 511 -10.35 -15.85 20.81
N ASP B 512 -10.08 -17.09 21.19
CA ASP B 512 -9.50 -17.40 22.50
C ASP B 512 -8.10 -16.84 22.64
N SER B 513 -7.41 -16.67 21.52
CA SER B 513 -6.03 -16.19 21.52
C SER B 513 -5.97 -14.67 21.65
N CYS B 514 -7.04 -14.00 21.20
CA CYS B 514 -7.11 -12.54 21.30
C CYS B 514 -7.53 -12.11 22.70
N SER B 515 -8.28 -12.97 23.37
CA SER B 515 -8.80 -12.68 24.70
C SER B 515 -7.67 -12.60 25.73
N THR B 516 -7.66 -11.53 26.52
CA THR B 516 -6.64 -11.35 27.55
C THR B 516 -6.87 -12.34 28.69
N SER B 517 -8.01 -13.00 28.66
CA SER B 517 -8.39 -13.97 29.68
C SER B 517 -7.50 -15.21 29.62
N GLU B 518 -7.47 -15.96 30.72
CA GLU B 518 -6.59 -17.11 30.81
C GLU B 518 -7.35 -18.40 30.54
N HIS B 519 -6.65 -19.52 30.68
CA HIS B 519 -7.19 -20.76 30.15
C HIS B 519 -7.25 -21.86 31.20
N LYS B 520 -8.37 -21.89 31.91
CA LYS B 520 -8.59 -22.75 33.04
C LYS B 520 -9.23 -24.03 32.56
N LEU B 521 -8.45 -25.09 32.64
CA LEU B 521 -8.95 -26.38 32.24
C LEU B 521 -9.98 -26.85 33.25
N GLY B 522 -10.53 -28.01 32.98
CA GLY B 522 -11.53 -28.64 33.82
C GLY B 522 -12.33 -29.54 32.90
N PRO B 526 -15.48 -29.33 26.07
CA PRO B 526 -14.50 -28.46 25.44
C PRO B 526 -13.58 -29.26 24.52
N SER B 527 -13.73 -29.05 23.21
CA SER B 527 -12.92 -29.74 22.22
C SER B 527 -11.88 -28.81 21.58
N ASN B 528 -12.36 -27.73 20.98
CA ASN B 528 -11.47 -26.78 20.31
C ASN B 528 -10.46 -26.18 21.28
N LYS B 529 -10.87 -26.06 22.54
CA LYS B 529 -10.00 -25.52 23.57
C LYS B 529 -9.11 -26.62 24.16
N LEU B 530 -9.49 -27.86 23.91
CA LEU B 530 -8.75 -29.01 24.41
C LEU B 530 -7.62 -29.38 23.45
N LEU B 531 -7.90 -29.35 22.15
CA LEU B 531 -6.91 -29.65 21.13
C LEU B 531 -5.75 -28.67 21.17
N TYR B 532 -6.04 -27.41 20.87
CA TYR B 532 -5.03 -26.36 20.81
C TYR B 532 -4.69 -25.82 22.19
N ALA B 533 -4.84 -26.67 23.21
CA ALA B 533 -4.57 -26.27 24.59
C ALA B 533 -3.09 -25.97 24.80
N LYS B 534 -2.26 -26.39 23.85
CA LYS B 534 -0.82 -26.15 23.94
C LYS B 534 -0.36 -25.11 22.93
N ASP B 535 -1.25 -24.74 22.00
CA ASP B 535 -0.91 -23.77 20.98
C ASP B 535 -1.38 -22.36 21.33
N ILE B 536 -2.49 -22.27 22.05
CA ILE B 536 -3.05 -20.98 22.45
C ILE B 536 -2.03 -20.06 23.10
N PRO B 537 -1.19 -20.58 24.00
CA PRO B 537 -0.16 -19.75 24.63
C PRO B 537 0.69 -19.04 23.59
N ASN B 538 1.11 -19.75 22.55
CA ASN B 538 1.93 -19.15 21.50
C ASN B 538 1.17 -18.10 20.68
N TYR B 539 -0.11 -18.38 20.41
CA TYR B 539 -0.94 -17.44 19.66
C TYR B 539 -1.19 -16.18 20.48
N LYS B 540 -1.22 -16.32 21.80
CA LYS B 540 -1.44 -15.20 22.68
C LYS B 540 -0.20 -14.31 22.73
N SER B 541 0.97 -14.93 22.56
CA SER B 541 2.23 -14.18 22.55
C SER B 541 2.45 -13.47 21.22
N TRP B 542 2.07 -14.10 20.12
CA TRP B 542 2.22 -13.47 18.81
C TRP B 542 1.50 -12.14 18.77
N VAL B 543 0.30 -12.11 19.35
CA VAL B 543 -0.54 -10.92 19.27
C VAL B 543 -0.02 -9.80 20.17
N GLU B 544 0.62 -10.18 21.27
CA GLU B 544 1.25 -9.20 22.14
C GLU B 544 2.32 -8.44 21.37
N ARG B 545 3.21 -9.20 20.73
CA ARG B 545 4.30 -8.62 19.97
C ARG B 545 3.77 -7.83 18.78
N TYR B 546 2.70 -8.33 18.17
CA TYR B 546 2.08 -7.68 17.03
C TYR B 546 1.55 -6.31 17.41
N TYR B 547 1.04 -6.22 18.63
CA TYR B 547 0.54 -4.96 19.17
C TYR B 547 1.69 -4.03 19.51
N ALA B 548 2.62 -4.51 20.32
CA ALA B 548 3.78 -3.73 20.71
C ALA B 548 4.45 -3.10 19.49
N ASP B 549 4.69 -3.93 18.48
CA ASP B 549 5.35 -3.47 17.25
C ASP B 549 4.65 -2.25 16.65
N ILE B 550 3.32 -2.25 16.70
CA ILE B 550 2.52 -1.17 16.12
C ILE B 550 2.58 0.09 16.99
N ALA B 551 2.99 -0.09 18.25
CA ALA B 551 3.14 1.04 19.16
C ALA B 551 4.53 1.63 19.05
N LYS B 552 5.48 0.83 18.56
CA LYS B 552 6.85 1.30 18.37
C LYS B 552 6.99 2.07 17.06
N MET B 553 6.25 1.66 16.04
CA MET B 553 6.33 2.28 14.72
C MET B 553 6.06 3.78 14.75
N PRO B 554 6.71 4.52 13.84
CA PRO B 554 6.57 5.97 13.72
C PRO B 554 5.14 6.38 13.38
N ALA B 555 4.69 7.48 13.95
CA ALA B 555 3.34 7.97 13.69
C ALA B 555 3.21 8.51 12.27
N ILE B 556 2.04 8.27 11.66
CA ILE B 556 1.78 8.74 10.31
C ILE B 556 1.21 10.15 10.35
N SER B 557 1.82 11.06 9.58
CA SER B 557 1.39 12.46 9.54
C SER B 557 0.00 12.59 8.93
N ASP B 558 -0.79 13.52 9.47
CA ASP B 558 -2.15 13.74 9.00
C ASP B 558 -2.18 14.07 7.51
N GLN B 559 -1.06 14.56 7.00
CA GLN B 559 -0.94 14.89 5.59
C GLN B 559 -0.78 13.64 4.72
N ASP B 560 0.02 12.69 5.20
CA ASP B 560 0.24 11.45 4.47
C ASP B 560 -0.99 10.55 4.54
N MET B 561 -1.66 10.56 5.68
CA MET B 561 -2.84 9.72 5.89
C MET B 561 -3.96 10.15 4.94
N SER B 562 -4.17 11.45 4.83
CA SER B 562 -5.22 11.98 3.97
C SER B 562 -4.98 11.62 2.50
N ALA B 563 -3.71 11.50 2.12
CA ALA B 563 -3.36 11.12 0.77
C ALA B 563 -3.74 9.65 0.53
N TYR B 564 -3.39 8.80 1.47
CA TYR B 564 -3.71 7.38 1.39
C TYR B 564 -5.21 7.14 1.35
N LEU B 565 -5.95 7.86 2.19
CA LEU B 565 -7.40 7.74 2.24
C LEU B 565 -8.03 8.24 0.95
N ALA B 566 -7.44 9.27 0.36
CA ALA B 566 -7.95 9.86 -0.87
C ALA B 566 -7.68 8.98 -2.08
N GLU B 567 -6.60 8.21 -2.02
CA GLU B 567 -6.26 7.31 -3.12
C GLU B 567 -7.17 6.09 -3.11
N GLN B 568 -7.51 5.61 -1.91
CA GLN B 568 -8.38 4.45 -1.76
C GLN B 568 -9.84 4.81 -2.04
N SER B 569 -10.16 6.09 -1.87
CA SER B 569 -11.51 6.57 -2.10
C SER B 569 -11.75 6.91 -3.58
N ARG B 570 -10.79 7.60 -4.18
CA ARG B 570 -10.91 8.06 -5.56
C ARG B 570 -10.91 6.89 -6.55
N LEU B 571 -10.22 5.82 -6.16
CA LEU B 571 -10.14 4.62 -6.98
C LEU B 571 -11.46 3.85 -6.97
N HIS B 572 -11.97 3.55 -5.78
CA HIS B 572 -13.22 2.82 -5.64
C HIS B 572 -14.38 3.75 -5.34
N LEU B 573 -14.30 4.98 -5.86
CA LEU B 573 -15.33 5.98 -5.63
C LEU B 573 -16.61 5.64 -6.38
N SER B 574 -16.46 5.18 -7.61
CA SER B 574 -17.61 4.85 -8.44
C SER B 574 -17.83 3.35 -8.52
N GLN B 575 -17.96 2.71 -7.36
CA GLN B 575 -18.19 1.27 -7.31
C GLN B 575 -19.58 0.93 -6.75
N PHE B 576 -20.30 1.97 -6.33
CA PHE B 576 -21.66 1.80 -5.85
C PHE B 576 -22.50 3.02 -6.23
N ASN B 577 -23.79 2.80 -6.49
CA ASN B 577 -24.68 3.92 -6.80
C ASN B 577 -24.87 4.81 -5.57
N SER B 578 -24.46 6.07 -5.68
CA SER B 578 -24.57 6.98 -4.55
C SER B 578 -26.01 7.42 -4.32
N MET B 579 -26.77 7.61 -5.41
CA MET B 579 -28.16 8.00 -5.30
C MET B 579 -28.93 6.95 -4.50
N SER B 580 -28.66 5.69 -4.78
CA SER B 580 -29.30 4.59 -4.05
C SER B 580 -29.08 4.73 -2.55
N ALA B 581 -27.82 4.76 -2.14
CA ALA B 581 -27.48 4.83 -0.72
C ALA B 581 -28.02 6.10 -0.06
N LEU B 582 -28.08 7.19 -0.80
CA LEU B 582 -28.54 8.46 -0.28
C LEU B 582 -30.06 8.54 -0.21
N HIS B 583 -30.72 8.00 -1.24
CA HIS B 583 -32.17 8.05 -1.34
C HIS B 583 -32.82 7.34 -0.16
N GLU B 584 -32.25 6.21 0.23
CA GLU B 584 -32.78 5.42 1.34
C GLU B 584 -32.59 6.14 2.67
N ILE B 585 -31.47 6.85 2.80
CA ILE B 585 -31.20 7.62 4.01
C ILE B 585 -32.19 8.77 4.15
N TYR B 586 -32.65 9.27 3.01
CA TYR B 586 -33.64 10.34 3.00
C TYR B 586 -34.96 9.88 3.59
N SER B 587 -35.32 8.64 3.30
CA SER B 587 -36.53 8.04 3.85
C SER B 587 -36.41 7.90 5.36
N TYR B 588 -35.17 7.91 5.84
CA TYR B 588 -34.90 7.77 7.26
C TYR B 588 -34.97 9.11 7.98
N ILE B 589 -35.09 10.19 7.21
CA ILE B 589 -35.24 11.52 7.79
C ILE B 589 -36.66 12.02 7.57
N ALA B 590 -37.42 11.29 6.75
CA ALA B 590 -38.79 11.65 6.44
C ALA B 590 -39.68 11.39 7.65
N LYS B 591 -39.34 10.35 8.42
CA LYS B 591 -40.12 10.01 9.60
C LYS B 591 -39.79 10.93 10.77
N TYR B 592 -38.66 11.62 10.68
CA TYR B 592 -38.24 12.54 11.74
C TYR B 592 -38.01 13.94 11.20
N LYS B 593 -39.09 14.69 10.97
CA LYS B 593 -38.98 16.06 10.53
C LYS B 593 -38.88 16.98 11.75
N ASP B 594 -39.61 16.62 12.79
CA ASP B 594 -39.67 17.42 14.01
C ASP B 594 -38.51 17.14 14.94
N GLU B 595 -38.22 15.85 15.15
CA GLU B 595 -37.14 15.44 16.02
C GLU B 595 -35.81 16.06 15.58
N ILE B 596 -35.64 16.24 14.27
CA ILE B 596 -34.40 16.80 13.72
C ILE B 596 -34.32 18.32 13.86
N LEU B 597 -35.36 19.02 13.39
CA LEU B 597 -35.38 20.47 13.43
C LEU B 597 -35.37 21.00 14.85
N VAL B 598 -35.98 20.26 15.77
CA VAL B 598 -35.98 20.63 17.18
C VAL B 598 -34.56 20.79 17.70
N ALA B 599 -33.67 19.89 17.27
CA ALA B 599 -32.29 19.89 17.72
C ALA B 599 -31.40 20.73 16.80
N LEU B 600 -31.76 20.82 15.53
CA LEU B 600 -30.98 21.58 14.55
C LEU B 600 -31.13 23.08 14.76
N GLU B 601 -32.15 23.48 15.51
CA GLU B 601 -32.39 24.88 15.78
C GLU B 601 -32.01 25.24 17.22
N LYS B 602 -31.61 24.25 17.98
CA LYS B 602 -31.21 24.46 19.37
C LYS B 602 -29.70 24.42 19.52
N ASP B 603 -29.03 23.87 18.51
CA ASP B 603 -27.58 23.75 18.54
C ASP B 603 -26.89 25.05 18.16
N GLU B 604 -25.83 25.38 18.88
CA GLU B 604 -25.08 26.62 18.65
C GLU B 604 -24.49 26.66 17.25
N GLN B 605 -23.68 25.66 16.92
CA GLN B 605 -23.06 25.58 15.60
C GLN B 605 -24.10 25.59 14.48
N ALA B 606 -25.18 24.84 14.67
CA ALA B 606 -26.23 24.74 13.67
C ALA B 606 -26.82 26.11 13.36
N ARG B 607 -27.14 26.87 14.40
CA ARG B 607 -27.68 28.21 14.24
C ARG B 607 -26.82 29.06 13.31
N ARG B 608 -25.54 29.17 13.66
CA ARG B 608 -24.60 30.01 12.92
C ARG B 608 -24.65 29.79 11.42
N GLN B 609 -24.54 28.53 11.00
CA GLN B 609 -24.50 28.20 9.58
C GLN B 609 -25.90 27.87 9.06
N ARG B 610 -26.92 28.30 9.80
CA ARG B 610 -28.31 28.10 9.39
C ARG B 610 -28.59 26.67 8.96
N LEU B 611 -28.37 25.72 9.87
CA LEU B 611 -28.59 24.32 9.57
C LEU B 611 -30.07 24.00 9.45
N ARG B 612 -30.90 24.86 10.00
CA ARG B 612 -32.35 24.65 9.97
C ARG B 612 -32.97 25.33 8.75
N SER B 613 -32.38 26.46 8.35
CA SER B 613 -32.88 27.20 7.21
C SER B 613 -32.37 26.61 5.90
N LYS B 614 -31.09 26.29 5.85
CA LYS B 614 -30.49 25.71 4.66
C LYS B 614 -31.16 24.37 4.31
N LEU B 615 -31.41 23.57 5.33
CA LEU B 615 -32.05 22.27 5.15
C LEU B 615 -33.52 22.41 4.78
N GLU B 616 -34.17 23.43 5.34
CA GLU B 616 -35.60 23.64 5.12
C GLU B 616 -35.92 23.83 3.64
N GLN B 617 -35.53 24.97 3.10
CA GLN B 617 -35.74 25.27 1.68
C GLN B 617 -35.25 24.12 0.80
N VAL B 618 -34.21 23.45 1.25
CA VAL B 618 -33.64 22.31 0.52
C VAL B 618 -34.64 21.16 0.39
N VAL B 619 -35.23 20.76 1.51
CA VAL B 619 -36.16 19.63 1.53
C VAL B 619 -37.48 19.97 0.82
N ASP B 620 -38.02 21.15 1.14
CA ASP B 620 -39.27 21.59 0.52
C ASP B 620 -39.18 21.56 -1.00
N THR B 621 -38.01 21.93 -1.52
CA THR B 621 -37.79 21.96 -2.95
C THR B 621 -37.77 20.55 -3.54
N MET B 622 -37.28 19.60 -2.76
CA MET B 622 -37.18 18.21 -3.20
C MET B 622 -38.55 17.67 -3.60
N ALA B 623 -39.38 17.38 -2.60
CA ALA B 623 -40.72 16.86 -2.85
C ALA B 623 -41.64 17.95 -3.36
N GLN C 5 13.76 52.61 9.48
CA GLN C 5 12.75 51.57 9.57
C GLN C 5 12.16 51.25 8.21
N ALA C 6 11.87 49.98 7.96
CA ALA C 6 11.30 49.55 6.69
C ALA C 6 9.79 49.70 6.68
N ILE C 7 9.27 50.14 5.54
CA ILE C 7 7.82 50.31 5.38
C ILE C 7 7.34 49.61 4.10
N LYS C 8 6.71 48.47 4.26
CA LYS C 8 6.18 47.72 3.13
C LYS C 8 4.94 48.43 2.55
N CYS C 9 4.87 48.49 1.23
CA CYS C 9 3.77 49.18 0.56
C CYS C 9 3.39 48.44 -0.73
N VAL C 10 2.09 48.41 -1.04
CA VAL C 10 1.62 47.75 -2.25
C VAL C 10 0.83 48.70 -3.14
N VAL C 11 1.02 48.58 -4.45
CA VAL C 11 0.41 49.48 -5.41
C VAL C 11 -0.58 48.76 -6.32
N VAL C 12 -1.81 48.59 -5.85
CA VAL C 12 -2.83 47.87 -6.61
C VAL C 12 -3.68 48.84 -7.44
N GLY C 13 -4.06 48.41 -8.65
CA GLY C 13 -4.88 49.24 -9.51
C GLY C 13 -5.11 48.65 -10.89
N ASP C 14 -6.11 49.17 -11.60
CA ASP C 14 -6.47 48.65 -12.92
C ASP C 14 -5.27 48.57 -13.85
N GLY C 15 -5.44 47.80 -14.93
CA GLY C 15 -4.39 47.66 -15.92
C GLY C 15 -4.14 48.96 -16.66
N ALA C 16 -2.87 49.22 -16.97
CA ALA C 16 -2.50 50.40 -17.74
C ALA C 16 -3.06 51.70 -17.16
N VAL C 17 -2.76 51.96 -15.88
CA VAL C 17 -3.15 53.20 -15.24
C VAL C 17 -1.93 54.03 -14.86
N GLY C 18 -0.76 53.42 -14.95
CA GLY C 18 0.47 54.11 -14.64
C GLY C 18 1.04 53.75 -13.29
N LYS C 19 0.86 52.50 -12.89
CA LYS C 19 1.42 52.02 -11.63
C LYS C 19 2.91 51.73 -11.76
N THR C 20 3.31 51.14 -12.89
CA THR C 20 4.72 50.84 -13.14
C THR C 20 5.53 52.12 -13.42
N CYS C 21 4.98 53.00 -14.25
CA CYS C 21 5.63 54.26 -14.55
C CYS C 21 5.67 55.16 -13.32
N LEU C 22 4.74 54.95 -12.40
CA LEU C 22 4.74 55.67 -11.13
C LEU C 22 5.88 55.20 -10.24
N LEU C 23 6.08 53.88 -10.19
CA LEU C 23 7.12 53.30 -9.33
C LEU C 23 8.51 53.35 -9.97
N ILE C 24 8.56 53.63 -11.26
CA ILE C 24 9.82 53.74 -12.00
C ILE C 24 10.29 55.18 -12.09
N SER C 25 9.36 56.08 -12.39
CA SER C 25 9.65 57.50 -12.48
C SER C 25 9.93 58.08 -11.10
N TYR C 26 9.96 57.23 -10.09
CA TYR C 26 10.31 57.64 -8.73
C TYR C 26 11.61 56.99 -8.26
N THR C 27 11.67 55.67 -8.33
CA THR C 27 12.85 54.95 -7.86
C THR C 27 14.07 55.26 -8.71
N THR C 28 13.84 55.67 -9.95
CA THR C 28 14.92 56.03 -10.86
C THR C 28 14.76 57.44 -11.36
N ASN C 29 13.74 58.13 -10.87
CA ASN C 29 13.51 59.52 -11.26
C ASN C 29 13.43 59.66 -12.78
N ALA C 30 13.18 58.57 -13.47
CA ALA C 30 13.04 58.61 -14.92
C ALA C 30 11.78 57.88 -15.39
N PHE C 31 11.13 58.46 -16.38
CA PHE C 31 9.91 57.88 -16.94
C PHE C 31 10.25 57.13 -18.23
N PRO C 32 9.90 55.83 -18.28
CA PRO C 32 10.22 54.96 -19.41
C PRO C 32 9.52 55.33 -20.72
N GLY C 33 8.82 54.38 -21.32
CA GLY C 33 8.12 54.62 -22.57
C GLY C 33 7.00 53.63 -22.85
N GLU C 34 7.35 52.52 -23.51
CA GLU C 34 6.35 51.55 -23.95
C GLU C 34 5.80 50.74 -22.78
N TYR C 35 4.58 50.24 -22.94
CA TYR C 35 3.87 49.53 -21.88
C TYR C 35 4.00 48.01 -21.96
N ILE C 36 4.43 47.40 -20.86
CA ILE C 36 4.49 45.95 -20.77
C ILE C 36 3.86 45.48 -19.47
N PRO C 37 2.65 44.89 -19.56
CA PRO C 37 1.87 44.51 -18.38
C PRO C 37 2.75 43.85 -17.32
N THR C 38 2.59 44.25 -16.06
CA THR C 38 3.39 43.71 -14.97
C THR C 38 2.71 42.50 -14.34
N VAL C 39 3.51 41.50 -13.99
CA VAL C 39 3.00 40.31 -13.34
C VAL C 39 3.20 40.46 -11.84
N PHE C 40 4.35 40.98 -11.48
CA PHE C 40 4.65 41.32 -10.10
C PHE C 40 6.13 41.62 -9.94
N ASP C 41 6.44 42.78 -9.35
CA ASP C 41 7.81 43.19 -9.16
C ASP C 41 8.00 43.86 -7.81
N ASN C 42 9.24 44.29 -7.54
CA ASN C 42 9.56 44.93 -6.26
C ASN C 42 10.69 45.95 -6.42
N TYR C 43 10.47 47.14 -5.90
CA TYR C 43 11.46 48.21 -5.98
C TYR C 43 11.99 48.58 -4.60
N SER C 44 13.05 49.38 -4.57
CA SER C 44 13.61 49.85 -3.30
C SER C 44 14.03 51.32 -3.38
N ALA C 45 13.83 52.04 -2.28
CA ALA C 45 14.22 53.44 -2.20
C ALA C 45 14.29 53.87 -0.74
N ASN C 46 15.44 54.39 -0.34
CA ASN C 46 15.63 54.85 1.02
C ASN C 46 15.79 56.37 1.10
N VAL C 47 14.77 57.04 1.65
CA VAL C 47 14.79 58.49 1.76
C VAL C 47 14.52 58.91 3.20
N MET C 48 14.79 60.18 3.50
CA MET C 48 14.58 60.71 4.84
C MET C 48 13.36 61.63 4.87
N VAL C 49 12.39 61.30 5.72
CA VAL C 49 11.18 62.10 5.84
C VAL C 49 11.10 62.79 7.20
N ASP C 50 11.11 64.12 7.17
CA ASP C 50 11.05 64.93 8.38
C ASP C 50 12.20 64.62 9.35
N GLY C 51 13.25 63.99 8.83
CA GLY C 51 14.40 63.61 9.62
C GLY C 51 14.28 62.20 10.18
N LYS C 52 14.20 61.22 9.29
CA LYS C 52 14.06 59.82 9.72
C LYS C 52 14.17 58.85 8.54
N PRO C 53 15.35 58.24 8.38
CA PRO C 53 15.65 57.24 7.35
C PRO C 53 14.58 56.15 7.29
N VAL C 54 14.15 55.81 6.07
CA VAL C 54 13.16 54.77 5.87
C VAL C 54 13.58 53.84 4.72
N ASN C 55 13.24 52.56 4.85
CA ASN C 55 13.54 51.59 3.81
C ASN C 55 12.28 51.24 3.01
N LEU C 56 11.80 52.21 2.25
CA LEU C 56 10.59 52.03 1.45
C LEU C 56 10.75 50.94 0.40
N GLY C 57 9.83 49.98 0.40
CA GLY C 57 9.88 48.88 -0.55
C GLY C 57 8.60 48.75 -1.34
N LEU C 58 8.55 49.41 -2.50
CA LEU C 58 7.34 49.43 -3.31
C LEU C 58 7.09 48.09 -3.99
N TRP C 59 5.84 47.63 -3.92
CA TRP C 59 5.47 46.33 -4.47
C TRP C 59 4.50 46.46 -5.64
N ASP C 60 5.03 46.63 -6.84
CA ASP C 60 4.22 46.73 -8.04
C ASP C 60 3.50 45.41 -8.29
N THR C 61 2.17 45.48 -8.40
CA THR C 61 1.36 44.30 -8.65
C THR C 61 0.62 44.43 -9.99
N ALA C 62 -0.01 43.35 -10.43
CA ALA C 62 -0.69 43.33 -11.71
C ALA C 62 -1.99 44.13 -11.68
N GLY C 63 -2.83 43.96 -12.69
CA GLY C 63 -4.10 44.66 -12.77
C GLY C 63 -4.90 44.34 -14.02
N GLU C 65 -7.36 41.30 -14.71
CA GLU C 65 -8.09 40.35 -13.87
C GLU C 65 -7.55 38.93 -14.02
N ASP C 66 -6.55 38.76 -14.89
CA ASP C 66 -5.96 37.45 -15.12
C ASP C 66 -5.00 37.06 -14.01
N TYR C 67 -4.52 38.05 -13.27
CA TYR C 67 -3.57 37.79 -12.19
C TYR C 67 -4.21 38.00 -10.82
N ASP C 68 -5.53 37.89 -10.76
CA ASP C 68 -6.26 38.07 -9.51
C ASP C 68 -6.06 36.88 -8.58
N ARG C 69 -5.90 35.69 -9.16
CA ARG C 69 -5.75 34.47 -8.39
C ARG C 69 -4.32 34.29 -7.88
N LEU C 70 -3.48 35.30 -8.11
CA LEU C 70 -2.09 35.23 -7.71
C LEU C 70 -1.66 36.48 -6.97
N ARG C 71 -2.29 37.60 -7.31
CA ARG C 71 -1.93 38.90 -6.73
C ARG C 71 -1.79 38.89 -5.21
N PRO C 72 -2.80 38.35 -4.49
CA PRO C 72 -2.86 38.44 -3.03
C PRO C 72 -1.59 38.02 -2.28
N LEU C 73 -0.58 37.50 -2.98
CA LEU C 73 0.66 37.09 -2.35
C LEU C 73 1.59 38.28 -2.06
N SER C 74 1.09 39.49 -2.27
CA SER C 74 1.89 40.69 -2.07
C SER C 74 1.39 41.51 -0.88
N TYR C 75 0.20 41.18 -0.37
CA TYR C 75 -0.41 41.90 0.74
C TYR C 75 0.19 41.57 2.11
N PRO C 76 0.56 40.29 2.34
CA PRO C 76 1.11 39.90 3.64
C PRO C 76 2.08 40.92 4.22
N GLN C 77 1.84 41.32 5.47
CA GLN C 77 2.67 42.28 6.17
C GLN C 77 2.84 43.60 5.42
N THR C 78 1.72 44.20 5.03
CA THR C 78 1.74 45.51 4.38
C THR C 78 1.34 46.60 5.37
N ASP C 79 2.07 47.72 5.33
CA ASP C 79 1.81 48.81 6.26
C ASP C 79 1.09 49.97 5.60
N VAL C 80 0.95 49.92 4.27
CA VAL C 80 0.24 50.97 3.54
C VAL C 80 -0.05 50.55 2.10
N PHE C 81 -1.26 50.87 1.63
CA PHE C 81 -1.67 50.57 0.26
C PHE C 81 -1.89 51.85 -0.55
N LEU C 82 -1.77 51.73 -1.86
CA LEU C 82 -1.89 52.87 -2.75
C LEU C 82 -2.79 52.57 -3.94
N ILE C 83 -4.08 52.39 -3.67
CA ILE C 83 -5.07 52.16 -4.73
C ILE C 83 -4.90 53.21 -5.82
N CYS C 84 -5.00 52.79 -7.08
CA CYS C 84 -4.74 53.70 -8.18
C CYS C 84 -5.86 53.72 -9.22
N PHE C 85 -6.03 54.88 -9.85
CA PHE C 85 -7.01 55.04 -10.93
C PHE C 85 -6.60 56.20 -11.83
N SER C 86 -6.74 56.01 -13.14
CA SER C 86 -6.37 57.03 -14.11
C SER C 86 -7.32 58.22 -14.04
N LEU C 87 -6.76 59.41 -13.88
CA LEU C 87 -7.55 60.63 -13.81
C LEU C 87 -8.38 60.84 -15.07
N VAL C 88 -8.03 60.15 -16.14
CA VAL C 88 -8.75 60.27 -17.40
C VAL C 88 -9.47 58.97 -17.75
N SER C 89 -9.65 58.11 -16.77
CA SER C 89 -10.36 56.85 -16.96
C SER C 89 -11.44 56.67 -15.91
N PRO C 90 -12.58 57.33 -16.10
CA PRO C 90 -13.71 57.23 -15.16
C PRO C 90 -14.08 55.77 -14.89
N ALA C 91 -13.77 54.90 -15.84
CA ALA C 91 -14.03 53.47 -15.69
C ALA C 91 -13.26 52.90 -14.51
N SER C 92 -11.99 53.29 -14.39
CA SER C 92 -11.14 52.84 -13.29
C SER C 92 -11.54 53.51 -11.98
N PHE C 93 -11.99 54.76 -12.09
CA PHE C 93 -12.41 55.54 -10.92
C PHE C 93 -13.56 54.85 -10.19
N GLU C 94 -14.41 54.17 -10.96
CA GLU C 94 -15.55 53.47 -10.40
C GLU C 94 -15.14 52.15 -9.77
N ASN C 95 -14.11 51.52 -10.32
CA ASN C 95 -13.62 50.25 -9.79
C ASN C 95 -12.86 50.41 -8.48
N VAL C 96 -12.72 51.65 -8.03
CA VAL C 96 -12.04 51.94 -6.78
C VAL C 96 -12.90 51.52 -5.60
N ARG C 97 -14.21 51.71 -5.73
CA ARG C 97 -15.15 51.38 -4.67
C ARG C 97 -15.61 49.93 -4.76
N ALA C 98 -15.61 49.39 -5.97
CA ALA C 98 -16.17 48.06 -6.21
C ALA C 98 -15.11 46.96 -6.28
N LYS C 99 -14.03 47.23 -7.00
CA LYS C 99 -13.03 46.19 -7.26
C LYS C 99 -11.93 46.13 -6.21
N TRP C 100 -11.29 47.26 -5.96
CA TRP C 100 -10.07 47.28 -5.15
C TRP C 100 -10.28 47.41 -3.64
N TYR C 101 -11.02 48.43 -3.22
CA TYR C 101 -11.24 48.66 -1.79
C TYR C 101 -11.75 47.43 -1.03
N PRO C 102 -12.67 46.66 -1.63
CA PRO C 102 -13.12 45.41 -1.01
C PRO C 102 -11.96 44.44 -0.79
N GLU C 103 -11.20 44.20 -1.85
CA GLU C 103 -10.11 43.23 -1.83
C GLU C 103 -8.99 43.60 -0.87
N VAL C 104 -8.57 44.87 -0.91
CA VAL C 104 -7.48 45.34 -0.07
C VAL C 104 -7.77 45.14 1.41
N ARG C 105 -8.90 45.69 1.86
CA ARG C 105 -9.26 45.65 3.28
C ARG C 105 -9.62 44.24 3.73
N HIS C 106 -9.59 43.29 2.79
CA HIS C 106 -9.96 41.90 3.08
C HIS C 106 -8.79 41.11 3.67
N HIS C 107 -7.61 41.26 3.07
CA HIS C 107 -6.43 40.53 3.51
C HIS C 107 -5.63 41.31 4.55
N CYS C 108 -5.55 42.62 4.37
CA CYS C 108 -4.85 43.48 5.32
C CYS C 108 -5.74 44.63 5.78
N PRO C 109 -6.78 44.31 6.56
CA PRO C 109 -7.67 45.34 7.10
C PRO C 109 -6.95 46.18 8.13
N ASN C 110 -7.56 47.28 8.55
CA ASN C 110 -6.97 48.15 9.57
C ASN C 110 -5.63 48.77 9.16
N THR C 111 -5.27 48.62 7.88
CA THR C 111 -4.06 49.25 7.36
C THR C 111 -4.42 50.48 6.54
N PRO C 112 -3.65 51.57 6.70
CA PRO C 112 -3.91 52.83 6.00
C PRO C 112 -4.05 52.63 4.50
N ILE C 113 -4.75 53.54 3.84
CA ILE C 113 -4.89 53.51 2.38
C ILE C 113 -4.77 54.91 1.81
N ILE C 114 -3.84 55.11 0.87
CA ILE C 114 -3.60 56.42 0.29
C ILE C 114 -3.99 56.46 -1.17
N LEU C 115 -5.29 56.62 -1.44
CA LEU C 115 -5.79 56.71 -2.81
C LEU C 115 -4.88 57.58 -3.65
N VAL C 116 -4.78 57.28 -4.95
CA VAL C 116 -3.93 58.05 -5.85
C VAL C 116 -4.50 58.19 -7.26
N GLY C 117 -4.50 59.41 -7.77
CA GLY C 117 -4.93 59.69 -9.14
C GLY C 117 -3.73 59.93 -10.03
N THR C 118 -3.55 59.06 -11.02
CA THR C 118 -2.38 59.11 -11.89
C THR C 118 -2.64 59.89 -13.18
N LYS C 119 -1.57 60.13 -13.94
CA LYS C 119 -1.66 60.86 -15.20
C LYS C 119 -2.27 62.24 -15.00
N LEU C 120 -1.71 63.00 -14.07
CA LEU C 120 -2.17 64.36 -13.80
C LEU C 120 -1.98 65.23 -15.03
N ASP C 121 -1.01 64.85 -15.86
CA ASP C 121 -0.68 65.61 -17.07
C ASP C 121 -1.75 65.46 -18.15
N LEU C 122 -2.67 64.52 -17.95
CA LEU C 122 -3.75 64.27 -18.92
C LEU C 122 -4.96 65.12 -18.59
N ARG C 123 -4.91 65.80 -17.45
CA ARG C 123 -5.99 66.68 -17.03
C ARG C 123 -5.95 67.98 -17.82
N ASP C 124 -4.83 68.69 -17.72
CA ASP C 124 -4.69 69.98 -18.38
C ASP C 124 -4.35 69.83 -19.87
N ASP C 125 -4.78 68.71 -20.46
CA ASP C 125 -4.50 68.44 -21.87
C ASP C 125 -5.71 68.77 -22.75
N LYS C 126 -5.45 69.07 -24.02
CA LYS C 126 -6.52 69.38 -24.96
C LYS C 126 -6.79 68.20 -25.89
N ASP C 127 -5.72 67.50 -26.27
CA ASP C 127 -5.83 66.37 -27.19
C ASP C 127 -6.65 65.23 -26.58
N THR C 128 -6.38 64.92 -25.31
CA THR C 128 -7.12 63.87 -24.61
C THR C 128 -8.61 64.21 -24.55
N ILE C 129 -8.90 65.50 -24.42
CA ILE C 129 -10.28 65.96 -24.35
C ILE C 129 -11.03 65.60 -25.62
N GLU C 130 -10.32 65.60 -26.74
CA GLU C 130 -10.92 65.22 -28.02
C GLU C 130 -11.56 63.84 -27.93
N LYS C 131 -10.84 62.90 -27.33
CA LYS C 131 -11.32 61.53 -27.20
C LYS C 131 -12.17 61.33 -25.95
N LEU C 132 -12.45 62.43 -25.25
CA LEU C 132 -13.24 62.36 -24.03
C LEU C 132 -14.61 63.00 -24.22
N LYS C 133 -14.63 64.24 -24.68
CA LYS C 133 -15.86 64.97 -24.93
C LYS C 133 -16.78 64.19 -25.86
N GLU C 134 -16.20 63.61 -26.90
CA GLU C 134 -16.96 62.85 -27.88
C GLU C 134 -17.49 61.56 -27.25
N LYS C 135 -16.68 60.98 -26.35
CA LYS C 135 -17.08 59.76 -25.65
C LYS C 135 -18.09 60.05 -24.55
N LYS C 136 -18.53 61.31 -24.48
CA LYS C 136 -19.54 61.74 -23.52
C LYS C 136 -19.09 61.61 -22.06
N LEU C 137 -17.82 61.26 -21.88
CA LEU C 137 -17.26 61.14 -20.53
C LEU C 137 -16.23 62.24 -20.28
N THR C 138 -16.17 62.69 -19.02
CA THR C 138 -15.24 63.75 -18.64
C THR C 138 -14.24 63.25 -17.60
N PRO C 139 -13.05 63.86 -17.57
CA PRO C 139 -12.00 63.49 -16.62
C PRO C 139 -12.47 63.58 -15.17
N ILE C 140 -11.76 62.92 -14.27
CA ILE C 140 -12.10 62.96 -12.84
C ILE C 140 -11.65 64.27 -12.23
N THR C 141 -12.57 64.98 -11.59
CA THR C 141 -12.26 66.23 -10.92
C THR C 141 -11.75 65.98 -9.51
N TYR C 142 -11.07 66.98 -8.94
CA TYR C 142 -10.55 66.85 -7.58
C TYR C 142 -11.65 66.48 -6.58
N PRO C 143 -12.79 67.18 -6.63
CA PRO C 143 -13.90 66.87 -5.71
C PRO C 143 -14.37 65.43 -5.83
N GLN C 144 -14.77 65.03 -7.03
CA GLN C 144 -15.27 63.68 -7.26
C GLN C 144 -14.34 62.62 -6.66
N GLY C 145 -13.05 62.89 -6.70
CA GLY C 145 -12.05 61.98 -6.18
C GLY C 145 -11.86 62.09 -4.68
N LEU C 146 -11.77 63.33 -4.19
CA LEU C 146 -11.56 63.58 -2.77
C LEU C 146 -12.69 63.00 -1.93
N ALA C 147 -13.89 62.99 -2.49
CA ALA C 147 -15.04 62.40 -1.81
C ALA C 147 -14.93 60.89 -1.82
N MET C 148 -14.43 60.35 -2.93
CA MET C 148 -14.20 58.91 -3.06
C MET C 148 -13.20 58.44 -2.02
N ALA C 149 -12.30 59.34 -1.62
CA ALA C 149 -11.26 59.02 -0.65
C ALA C 149 -11.82 58.90 0.76
N LYS C 150 -12.61 59.88 1.18
CA LYS C 150 -13.23 59.86 2.50
C LYS C 150 -14.26 58.74 2.58
N GLU C 151 -14.82 58.38 1.44
CA GLU C 151 -15.82 57.31 1.35
C GLU C 151 -15.21 55.94 1.66
N ILE C 152 -14.06 55.65 1.05
CA ILE C 152 -13.41 54.36 1.18
C ILE C 152 -12.53 54.29 2.42
N GLY C 153 -12.47 55.38 3.18
CA GLY C 153 -11.66 55.42 4.38
C GLY C 153 -10.18 55.54 4.06
N ALA C 154 -9.87 56.31 3.02
CA ALA C 154 -8.48 56.55 2.64
C ALA C 154 -7.88 57.69 3.46
N VAL C 155 -6.75 57.40 4.11
CA VAL C 155 -6.06 58.36 4.96
C VAL C 155 -5.82 59.71 4.26
N LYS C 156 -5.63 59.67 2.94
CA LYS C 156 -5.38 60.88 2.17
C LYS C 156 -5.60 60.67 0.67
N TYR C 157 -6.04 61.74 -0.01
CA TYR C 157 -6.18 61.72 -1.47
C TYR C 157 -5.04 62.49 -2.12
N LEU C 158 -4.28 61.83 -2.98
CA LEU C 158 -3.12 62.46 -3.60
C LEU C 158 -3.08 62.19 -5.10
N GLU C 159 -3.05 63.26 -5.89
CA GLU C 159 -2.99 63.14 -7.35
C GLU C 159 -1.62 63.59 -7.87
N CYS C 160 -1.07 62.83 -8.82
CA CYS C 160 0.22 63.19 -9.40
C CYS C 160 0.34 62.70 -10.84
N SER C 161 1.49 63.01 -11.46
CA SER C 161 1.77 62.57 -12.82
C SER C 161 3.09 61.81 -12.89
N ALA C 162 3.01 60.52 -13.18
CA ALA C 162 4.18 59.67 -13.23
C ALA C 162 5.20 60.15 -14.27
N LEU C 163 4.75 60.96 -15.22
CA LEU C 163 5.62 61.44 -16.29
C LEU C 163 6.30 62.77 -15.94
N THR C 164 5.50 63.77 -15.62
CA THR C 164 6.01 65.10 -15.32
C THR C 164 6.56 65.21 -13.90
N GLN C 165 6.33 64.18 -13.10
CA GLN C 165 6.74 64.17 -11.70
C GLN C 165 6.10 65.33 -10.92
N ARG C 166 4.92 65.75 -11.36
CA ARG C 166 4.21 66.84 -10.70
C ARG C 166 3.54 66.35 -9.43
N GLY C 167 4.19 66.58 -8.29
CA GLY C 167 3.66 66.14 -7.01
C GLY C 167 3.79 64.64 -6.84
N LEU C 168 4.70 64.04 -7.58
CA LEU C 168 4.95 62.61 -7.50
C LEU C 168 5.61 62.25 -6.17
N LYS C 169 6.57 63.06 -5.77
CA LYS C 169 7.26 62.84 -4.50
C LYS C 169 6.33 63.11 -3.32
N THR C 170 5.31 63.91 -3.56
CA THR C 170 4.33 64.23 -2.53
C THR C 170 3.60 62.98 -2.07
N VAL C 171 3.30 62.10 -3.03
CA VAL C 171 2.55 60.89 -2.74
C VAL C 171 3.26 59.98 -1.75
N PHE C 172 4.45 59.52 -2.11
CA PHE C 172 5.22 58.60 -1.27
C PHE C 172 5.59 59.24 0.07
N ASP C 173 5.64 60.56 0.10
CA ASP C 173 5.94 61.28 1.34
C ASP C 173 4.84 61.08 2.38
N GLU C 174 3.60 61.00 1.90
CA GLU C 174 2.44 60.83 2.77
C GLU C 174 2.22 59.35 3.12
N ALA C 175 2.58 58.47 2.20
CA ALA C 175 2.43 57.04 2.42
C ALA C 175 3.29 56.57 3.59
N ILE C 176 4.37 57.30 3.84
CA ILE C 176 5.25 57.00 4.97
C ILE C 176 4.81 57.78 6.20
N ARG C 177 4.26 58.96 5.97
CA ARG C 177 3.75 59.79 7.06
C ARG C 177 2.49 59.17 7.66
N ALA C 178 1.84 58.29 6.90
CA ALA C 178 0.64 57.61 7.36
C ALA C 178 0.96 56.29 8.02
N VAL C 179 2.25 56.01 8.20
CA VAL C 179 2.70 54.78 8.82
C VAL C 179 3.70 55.06 9.94
#